data_8HOS
#
_entry.id   8HOS
#
_cell.length_a   58.436
_cell.length_b   147.341
_cell.length_c   64.260
_cell.angle_alpha   90.00
_cell.angle_beta   99.71
_cell.angle_gamma   90.00
#
_symmetry.space_group_name_H-M   'P 1 21 1'
#
loop_
_entity.id
_entity.type
_entity.pdbx_description
1 polymer 'Bifunctional cytochrome P450/NADPH--P450 reductase'
2 polymer Im-C6-Phe(4NO2)-Tyr
3 non-polymer 'PROTOPORPHYRIN IX CONTAINING FE'
4 water water
#
loop_
_entity_poly.entity_id
_entity_poly.type
_entity_poly.pdbx_seq_one_letter_code
_entity_poly.pdbx_strand_id
1 'polypeptide(L)'
;GMTIKEMPQPKTFGELKNLPLLNTDKPVQALMKIADELGEIFKFEAPGRVTRYLSSQRLIKEACDESRFDKNLSQALKFV
RDFAGDGLATSWTHEKNWKKAHNILLPSFSQQAMKGYHAMMVDIAVQLVQKWERLNADEHIEVPEDMTRLTLDTIGLCGF
NYRFNSFYRDQPHPFITSMVRALDEAMNKLQRANPDDPAYDENKRQFQEDIKVMNDLVDKIIADRKASGEQSDDLLTHML
NGKDPETGEPLDDENIRYQIITFLIAGHETTSGLLSFALYFLVKNPHVLQKAAEEAARVLVDPVPSYKQVKQLKYVGMVL
NEALRLWPTAPAFSLYAKEDTVLGGEYPLEKGDELMVLIPQLHRDKTIWGDDVEEFRPERFENPSAIPQHAFKPFGNGQR
ACIGQQFALHEATLVLGMMLKHFDFEDHTNYELDIKETLTLKPEGFVVKAKSKKIPLLEHHHHHH
;
A,B
2 'polypeptide(L)' (I7X)(PPN)Y C,D
#
loop_
_chem_comp.id
_chem_comp.type
_chem_comp.name
_chem_comp.formula
HEM non-polymer 'PROTOPORPHYRIN IX CONTAINING FE' 'C34 H32 Fe N4 O4'
I7X non-polymer '6-imidazol-1-ylhexanoic acid' 'C9 H14 N2 O2'
#
# COMPACT_ATOMS: atom_id res chain seq x y z
N LYS A 5 -19.07 8.17 28.70
CA LYS A 5 -18.15 7.82 29.78
C LYS A 5 -18.49 6.44 30.35
N GLU A 6 -19.72 6.29 30.83
CA GLU A 6 -20.17 5.01 31.38
C GLU A 6 -20.52 4.06 30.24
N MET A 7 -19.96 2.85 30.27
CA MET A 7 -20.08 2.02 29.08
C MET A 7 -21.24 1.05 29.23
N PRO A 8 -22.14 0.99 28.25
CA PRO A 8 -23.28 0.07 28.35
C PRO A 8 -22.84 -1.38 28.43
N GLN A 9 -23.74 -2.21 28.96
CA GLN A 9 -23.45 -3.63 29.13
C GLN A 9 -24.76 -4.38 29.08
N PRO A 10 -24.82 -5.51 28.35
CA PRO A 10 -26.09 -6.27 28.30
C PRO A 10 -26.37 -6.99 29.60
N LYS A 11 -27.51 -7.68 29.65
CA LYS A 11 -27.98 -8.30 30.88
C LYS A 11 -27.00 -9.35 31.38
N THR A 12 -26.93 -9.50 32.70
CA THR A 12 -25.97 -10.38 33.36
C THR A 12 -26.69 -11.53 34.03
N PHE A 13 -25.92 -12.54 34.40
CA PHE A 13 -26.40 -13.79 34.96
C PHE A 13 -25.63 -14.09 36.25
N GLY A 14 -25.71 -13.17 37.20
CA GLY A 14 -25.03 -13.36 38.46
C GLY A 14 -23.54 -13.54 38.24
N GLU A 15 -23.01 -14.63 38.82
CA GLU A 15 -21.57 -14.88 38.75
C GLU A 15 -21.10 -15.12 37.31
N LEU A 16 -21.98 -15.58 36.43
CA LEU A 16 -21.57 -15.85 35.06
C LEU A 16 -21.48 -14.60 34.20
N LYS A 17 -21.86 -13.43 34.73
CA LYS A 17 -21.78 -12.14 34.04
C LYS A 17 -22.53 -12.27 32.71
N ASN A 18 -21.92 -11.92 31.57
CA ASN A 18 -22.61 -11.99 30.29
C ASN A 18 -22.44 -13.31 29.56
N LEU A 19 -21.63 -14.23 30.08
CA LEU A 19 -21.28 -15.43 29.33
C LEU A 19 -22.47 -16.23 28.81
N PRO A 20 -23.56 -16.43 29.56
CA PRO A 20 -24.69 -17.20 29.00
C PRO A 20 -25.30 -16.59 27.75
N LEU A 21 -25.04 -15.32 27.45
CA LEU A 21 -25.57 -14.73 26.22
C LEU A 21 -24.98 -15.39 24.98
N LEU A 22 -23.77 -15.94 25.10
CA LEU A 22 -23.14 -16.63 23.99
C LEU A 22 -23.58 -18.07 23.84
N ASN A 23 -24.28 -18.63 24.84
CA ASN A 23 -24.83 -19.98 24.73
C ASN A 23 -26.10 -19.92 23.89
N THR A 24 -25.90 -19.70 22.60
CA THR A 24 -26.99 -19.55 21.64
C THR A 24 -26.50 -20.01 20.28
N ASP A 25 -27.42 -20.44 19.42
CA ASP A 25 -26.97 -21.02 18.15
C ASP A 25 -26.50 -19.96 17.16
N LYS A 26 -26.81 -18.69 17.39
CA LYS A 26 -26.44 -17.61 16.48
C LYS A 26 -25.81 -16.46 17.26
N PRO A 27 -24.58 -16.66 17.75
CA PRO A 27 -24.02 -15.65 18.67
C PRO A 27 -23.71 -14.32 18.01
N VAL A 28 -23.21 -14.30 16.77
CA VAL A 28 -22.92 -13.03 16.10
C VAL A 28 -24.22 -12.24 15.92
N GLN A 29 -25.27 -12.92 15.47
CA GLN A 29 -26.55 -12.23 15.29
C GLN A 29 -27.11 -11.75 16.62
N ALA A 30 -26.89 -12.53 17.70
CA ALA A 30 -27.27 -12.07 19.02
C ALA A 30 -26.48 -10.83 19.41
N LEU A 31 -25.17 -10.82 19.13
CA LEU A 31 -24.36 -9.65 19.46
C LEU A 31 -24.78 -8.44 18.64
N MET A 32 -25.19 -8.65 17.40
CA MET A 32 -25.71 -7.56 16.58
C MET A 32 -26.96 -6.96 17.21
N LYS A 33 -27.86 -7.82 17.71
CA LYS A 33 -29.06 -7.34 18.36
C LYS A 33 -28.73 -6.57 19.63
N ILE A 34 -27.70 -7.00 20.38
CA ILE A 34 -27.28 -6.24 21.54
C ILE A 34 -26.74 -4.88 21.12
N ALA A 35 -25.93 -4.84 20.06
CA ALA A 35 -25.43 -3.57 19.55
C ALA A 35 -26.56 -2.67 19.10
N ASP A 36 -27.61 -3.25 18.49
CA ASP A 36 -28.78 -2.45 18.15
C ASP A 36 -29.36 -1.76 19.38
N GLU A 37 -29.44 -2.49 20.49
CA GLU A 37 -30.05 -1.95 21.70
C GLU A 37 -29.13 -0.98 22.43
N LEU A 38 -27.83 -1.31 22.51
CA LEU A 38 -26.93 -0.58 23.38
C LEU A 38 -26.07 0.45 22.65
N GLY A 39 -25.89 0.32 21.34
CA GLY A 39 -25.16 1.32 20.59
C GLY A 39 -23.76 0.92 20.16
N GLU A 40 -22.90 1.93 19.97
CA GLU A 40 -21.63 1.72 19.29
C GLU A 40 -20.62 0.96 20.12
N ILE A 41 -20.80 0.84 21.42
CA ILE A 41 -19.83 0.15 22.26
C ILE A 41 -20.55 -0.42 23.48
N PHE A 42 -20.29 -1.69 23.78
CA PHE A 42 -20.76 -2.26 25.03
C PHE A 42 -19.71 -3.19 25.61
N LYS A 43 -19.66 -3.22 26.93
CA LYS A 43 -18.76 -4.11 27.65
C LYS A 43 -19.37 -5.50 27.69
N PHE A 44 -18.51 -6.52 27.56
CA PHE A 44 -18.95 -7.91 27.66
C PHE A 44 -18.03 -8.62 28.63
N GLU A 45 -18.57 -9.04 29.77
CA GLU A 45 -17.80 -9.63 30.84
C GLU A 45 -18.14 -11.11 30.99
N ALA A 46 -17.14 -11.91 31.30
CA ALA A 46 -17.29 -13.32 31.60
C ALA A 46 -16.37 -13.63 32.76
N PRO A 47 -16.46 -14.80 33.40
CA PRO A 47 -15.48 -15.15 34.43
C PRO A 47 -14.07 -15.11 33.84
N GLY A 48 -13.25 -14.20 34.37
CA GLY A 48 -11.87 -14.07 33.95
C GLY A 48 -11.65 -13.45 32.59
N ARG A 49 -12.62 -12.72 32.05
CA ARG A 49 -12.54 -12.14 30.72
C ARG A 49 -13.37 -10.87 30.67
N VAL A 50 -12.79 -9.81 30.11
CA VAL A 50 -13.52 -8.58 29.81
C VAL A 50 -13.14 -8.15 28.40
N THR A 51 -14.14 -7.86 27.57
CA THR A 51 -13.89 -7.28 26.26
C THR A 51 -14.97 -6.26 25.95
N ARG A 52 -14.77 -5.52 24.87
CA ARG A 52 -15.67 -4.44 24.48
C ARG A 52 -15.96 -4.55 22.99
N TYR A 53 -17.23 -4.64 22.64
CA TYR A 53 -17.63 -4.80 21.24
C TYR A 53 -17.87 -3.41 20.64
N LEU A 54 -17.17 -3.12 19.54
CA LEU A 54 -17.32 -1.86 18.82
C LEU A 54 -18.15 -2.08 17.56
N SER A 55 -19.02 -1.11 17.26
CA SER A 55 -19.92 -1.23 16.12
C SER A 55 -19.97 -0.01 15.21
N SER A 56 -19.38 1.12 15.60
CA SER A 56 -19.46 2.34 14.82
C SER A 56 -18.14 2.60 14.10
N GLN A 57 -18.24 3.16 12.90
CA GLN A 57 -17.03 3.59 12.19
C GLN A 57 -16.25 4.62 13.00
N ARG A 58 -16.95 5.45 13.77
CA ARG A 58 -16.29 6.47 14.58
C ARG A 58 -15.25 5.87 15.52
N LEU A 59 -15.62 4.82 16.24
CA LEU A 59 -14.69 4.20 17.18
C LEU A 59 -13.76 3.20 16.49
N ILE A 60 -14.24 2.52 15.45
CA ILE A 60 -13.44 1.48 14.84
C ILE A 60 -12.28 2.09 14.04
N LYS A 61 -12.46 3.29 13.49
CA LYS A 61 -11.33 3.94 12.81
C LYS A 61 -10.16 4.18 13.78
N GLU A 62 -10.46 4.42 15.06
CA GLU A 62 -9.41 4.54 16.06
C GLU A 62 -8.83 3.18 16.44
N ALA A 63 -9.69 2.17 16.58
CA ALA A 63 -9.21 0.82 16.89
C ALA A 63 -8.27 0.30 15.81
N CYS A 64 -8.41 0.77 14.57
CA CYS A 64 -7.55 0.33 13.49
C CYS A 64 -6.23 1.10 13.42
N ASP A 65 -5.99 2.00 14.36
CA ASP A 65 -4.70 2.70 14.44
C ASP A 65 -3.67 1.72 14.99
N GLU A 66 -2.78 1.23 14.11
CA GLU A 66 -1.81 0.23 14.50
C GLU A 66 -0.79 0.75 15.50
N SER A 67 -0.62 2.07 15.62
CA SER A 67 0.28 2.57 16.65
C SER A 67 -0.32 2.44 18.04
N ARG A 68 -1.64 2.30 18.14
CA ARG A 68 -2.33 2.21 19.42
C ARG A 68 -2.89 0.81 19.71
N PHE A 69 -3.20 0.03 18.68
CA PHE A 69 -3.78 -1.29 18.90
C PHE A 69 -3.13 -2.31 17.97
N ASP A 70 -2.96 -3.52 18.49
CA ASP A 70 -2.41 -4.66 17.78
C ASP A 70 -3.45 -5.80 17.81
N LYS A 71 -3.28 -6.76 16.91
CA LYS A 71 -4.19 -7.90 16.87
C LYS A 71 -4.10 -8.71 18.16
N ASN A 72 -5.27 -9.05 18.69
CA ASN A 72 -5.40 -9.96 19.82
C ASN A 72 -5.92 -11.29 19.31
N LEU A 73 -5.46 -12.36 19.94
CA LEU A 73 -6.09 -13.67 19.71
C LEU A 73 -7.34 -13.74 20.57
N SER A 74 -8.50 -13.66 19.92
CA SER A 74 -9.78 -13.92 20.58
C SER A 74 -9.78 -15.31 21.19
N GLN A 75 -10.78 -15.59 22.03
CA GLN A 75 -10.88 -16.93 22.58
C GLN A 75 -11.05 -17.96 21.46
N ALA A 76 -11.80 -17.60 20.41
CA ALA A 76 -11.96 -18.49 19.26
C ALA A 76 -10.62 -18.77 18.60
N LEU A 77 -9.83 -17.72 18.34
CA LEU A 77 -8.53 -17.93 17.72
C LEU A 77 -7.59 -18.72 18.62
N LYS A 78 -7.67 -18.49 19.94
CA LYS A 78 -6.83 -19.27 20.84
C LYS A 78 -7.15 -20.76 20.74
N PHE A 79 -8.43 -21.10 20.58
CA PHE A 79 -8.81 -22.50 20.45
C PHE A 79 -8.42 -23.05 19.08
N VAL A 80 -8.58 -22.24 18.04
CA VAL A 80 -8.15 -22.67 16.70
C VAL A 80 -6.64 -22.89 16.68
N ARG A 81 -5.90 -22.10 17.45
CA ARG A 81 -4.45 -22.24 17.51
C ARG A 81 -4.02 -23.65 17.93
N ASP A 82 -4.88 -24.36 18.67
CA ASP A 82 -4.54 -25.73 19.05
C ASP A 82 -4.36 -26.64 17.84
N PHE A 83 -4.88 -26.28 16.67
CA PHE A 83 -4.59 -27.03 15.46
C PHE A 83 -4.07 -26.18 14.29
N ALA A 84 -4.20 -24.86 14.33
CA ALA A 84 -3.54 -24.02 13.35
C ALA A 84 -2.17 -23.55 13.80
N GLY A 85 -1.79 -23.85 15.04
CA GLY A 85 -0.43 -23.56 15.52
C GLY A 85 -0.08 -22.09 15.39
N ASP A 86 1.18 -21.83 15.07
CA ASP A 86 1.60 -20.47 14.75
C ASP A 86 1.57 -20.21 13.24
N GLY A 87 0.54 -20.71 12.56
CA GLY A 87 0.20 -20.19 11.25
C GLY A 87 -0.13 -18.70 11.35
N LEU A 88 -0.28 -18.08 10.18
CA LEU A 88 -0.40 -16.61 10.14
C LEU A 88 -1.58 -16.11 10.95
N ALA A 89 -2.72 -16.81 10.88
CA ALA A 89 -3.95 -16.28 11.45
C ALA A 89 -4.03 -16.44 12.96
N THR A 90 -3.29 -17.39 13.54
CA THR A 90 -3.36 -17.67 14.97
C THR A 90 -2.05 -17.37 15.68
N SER A 91 -1.22 -16.52 15.10
CA SER A 91 0.04 -16.11 15.71
CA SER A 91 0.04 -16.11 15.71
C SER A 91 -0.06 -14.65 16.15
N TRP A 92 0.67 -14.34 17.21
CA TRP A 92 0.82 -12.96 17.65
C TRP A 92 1.81 -12.25 16.75
N THR A 93 1.62 -10.94 16.59
CA THR A 93 2.49 -10.14 15.75
C THR A 93 3.93 -10.18 16.23
N HIS A 94 4.14 -10.34 17.53
CA HIS A 94 5.48 -10.34 18.11
C HIS A 94 6.15 -11.71 18.03
N GLU A 95 5.46 -12.73 17.52
CA GLU A 95 6.08 -14.04 17.35
C GLU A 95 6.95 -14.04 16.10
N LYS A 96 8.16 -14.59 16.24
CA LYS A 96 9.10 -14.61 15.13
C LYS A 96 8.49 -15.23 13.87
N ASN A 97 7.71 -16.29 14.03
CA ASN A 97 7.15 -16.98 12.87
C ASN A 97 6.04 -16.18 12.19
N TRP A 98 5.45 -15.16 12.84
CA TRP A 98 4.47 -14.36 12.11
C TRP A 98 5.15 -13.49 11.06
N LYS A 99 6.11 -12.66 11.47
CA LYS A 99 6.76 -11.76 10.52
C LYS A 99 7.50 -12.53 9.45
N LYS A 100 8.14 -13.64 9.84
CA LYS A 100 8.84 -14.49 8.89
C LYS A 100 7.90 -15.01 7.81
N ALA A 101 6.80 -15.66 8.20
CA ALA A 101 5.87 -16.19 7.21
C ALA A 101 5.16 -15.07 6.45
N HIS A 102 4.86 -13.96 7.14
CA HIS A 102 4.24 -12.81 6.48
C HIS A 102 5.11 -12.31 5.34
N ASN A 103 6.42 -12.11 5.59
CA ASN A 103 7.31 -11.63 4.55
C ASN A 103 7.46 -12.64 3.42
N ILE A 104 7.52 -13.93 3.76
CA ILE A 104 7.71 -14.96 2.76
C ILE A 104 6.45 -15.13 1.91
N LEU A 105 5.28 -15.09 2.54
CA LEU A 105 4.05 -15.43 1.83
C LEU A 105 3.42 -14.27 1.08
N LEU A 106 3.74 -13.03 1.46
CA LEU A 106 3.11 -11.87 0.81
C LEU A 106 3.24 -11.89 -0.71
N PRO A 107 4.42 -12.13 -1.31
CA PRO A 107 4.48 -12.16 -2.78
C PRO A 107 3.67 -13.28 -3.42
N SER A 108 3.45 -14.39 -2.71
CA SER A 108 2.67 -15.47 -3.31
C SER A 108 1.17 -15.26 -3.14
N PHE A 109 0.74 -14.18 -2.51
CA PHE A 109 -0.68 -13.85 -2.40
C PHE A 109 -1.02 -12.55 -3.11
N SER A 110 -0.08 -11.99 -3.85
CA SER A 110 -0.29 -10.72 -4.52
C SER A 110 -1.24 -10.88 -5.68
N GLN A 111 -1.76 -9.74 -6.15
CA GLN A 111 -2.57 -9.74 -7.37
C GLN A 111 -1.78 -10.35 -8.53
N GLN A 112 -0.48 -10.08 -8.59
CA GLN A 112 0.35 -10.65 -9.63
C GLN A 112 0.46 -12.17 -9.52
N ALA A 113 0.45 -12.72 -8.30
CA ALA A 113 0.54 -14.16 -8.14
C ALA A 113 -0.76 -14.85 -8.52
N MET A 114 -1.87 -14.12 -8.55
CA MET A 114 -3.12 -14.72 -8.98
C MET A 114 -3.06 -15.16 -10.44
N LYS A 115 -2.21 -14.53 -11.24
CA LYS A 115 -2.03 -14.94 -12.62
C LYS A 115 -1.58 -16.40 -12.70
N GLY A 116 -0.74 -16.83 -11.75
CA GLY A 116 -0.26 -18.20 -11.75
C GLY A 116 -1.23 -19.20 -11.17
N TYR A 117 -2.10 -18.76 -10.26
CA TYR A 117 -3.12 -19.65 -9.71
C TYR A 117 -4.35 -19.76 -10.61
N HIS A 118 -4.48 -18.87 -11.59
CA HIS A 118 -5.73 -18.75 -12.33
C HIS A 118 -6.13 -20.07 -12.99
N ALA A 119 -5.16 -20.76 -13.60
CA ALA A 119 -5.48 -21.99 -14.34
C ALA A 119 -6.08 -23.05 -13.43
N MET A 120 -5.53 -23.19 -12.22
CA MET A 120 -6.07 -24.16 -11.26
C MET A 120 -7.44 -23.74 -10.75
N MET A 121 -7.63 -22.44 -10.52
CA MET A 121 -8.96 -21.97 -10.14
C MET A 121 -9.98 -22.28 -11.22
N VAL A 122 -9.60 -22.09 -12.48
CA VAL A 122 -10.51 -22.38 -13.58
C VAL A 122 -10.83 -23.87 -13.61
N ASP A 123 -9.83 -24.70 -13.32
CA ASP A 123 -10.04 -26.15 -13.27
C ASP A 123 -11.22 -26.52 -12.38
N ILE A 124 -11.25 -25.98 -11.16
CA ILE A 124 -12.32 -26.31 -10.23
C ILE A 124 -13.62 -25.62 -10.63
N ALA A 125 -13.53 -24.37 -11.10
CA ALA A 125 -14.72 -23.64 -11.51
C ALA A 125 -15.44 -24.36 -12.65
N VAL A 126 -14.68 -24.89 -13.62
CA VAL A 126 -15.31 -25.64 -14.70
C VAL A 126 -16.00 -26.90 -14.17
N GLN A 127 -15.39 -27.55 -13.18
CA GLN A 127 -16.06 -28.71 -12.56
C GLN A 127 -17.40 -28.31 -11.95
N LEU A 128 -17.45 -27.15 -11.28
CA LEU A 128 -18.71 -26.69 -10.72
C LEU A 128 -19.74 -26.45 -11.82
N VAL A 129 -19.33 -25.75 -12.89
CA VAL A 129 -20.24 -25.47 -14.00
C VAL A 129 -20.76 -26.76 -14.62
N GLN A 130 -19.87 -27.75 -14.83
CA GLN A 130 -20.28 -29.01 -15.44
C GLN A 130 -21.23 -29.79 -14.54
N LYS A 131 -21.01 -29.75 -13.22
CA LYS A 131 -21.96 -30.39 -12.33
C LYS A 131 -23.36 -29.84 -12.55
N TRP A 132 -23.47 -28.52 -12.66
CA TRP A 132 -24.79 -27.90 -12.79
C TRP A 132 -25.37 -28.13 -14.18
N GLU A 133 -24.52 -28.13 -15.20
CA GLU A 133 -24.99 -28.46 -16.55
C GLU A 133 -25.57 -29.86 -16.62
N ARG A 134 -25.09 -30.76 -15.77
CA ARG A 134 -25.47 -32.17 -15.82
C ARG A 134 -26.63 -32.51 -14.90
N LEU A 135 -27.18 -31.54 -14.20
CA LEU A 135 -28.37 -31.78 -13.40
C LEU A 135 -29.56 -32.04 -14.30
N ASN A 136 -30.46 -32.90 -13.83
CA ASN A 136 -31.69 -33.17 -14.55
C ASN A 136 -32.73 -32.10 -14.26
N ALA A 137 -33.79 -32.08 -15.07
CA ALA A 137 -34.86 -31.12 -14.87
C ALA A 137 -35.47 -31.32 -13.48
N ASP A 138 -35.81 -30.21 -12.82
CA ASP A 138 -36.43 -30.17 -11.51
C ASP A 138 -35.51 -30.69 -10.39
N GLU A 139 -34.28 -31.08 -10.69
CA GLU A 139 -33.28 -31.14 -9.64
C GLU A 139 -32.85 -29.72 -9.27
N HIS A 140 -32.30 -29.56 -8.08
CA HIS A 140 -31.92 -28.25 -7.59
C HIS A 140 -30.48 -28.30 -7.06
N ILE A 141 -29.99 -27.12 -6.69
CA ILE A 141 -28.62 -26.91 -6.24
C ILE A 141 -28.64 -26.60 -4.75
N GLU A 142 -27.81 -27.29 -3.98
CA GLU A 142 -27.56 -26.92 -2.60
C GLU A 142 -26.39 -25.96 -2.64
N VAL A 143 -26.66 -24.66 -2.49
CA VAL A 143 -25.68 -23.64 -2.86
C VAL A 143 -24.45 -23.66 -1.95
N PRO A 144 -24.58 -23.47 -0.62
CA PRO A 144 -23.34 -23.47 0.21
C PRO A 144 -22.59 -24.78 0.13
N GLU A 145 -23.29 -25.90 0.00
CA GLU A 145 -22.62 -27.19 -0.12
C GLU A 145 -21.72 -27.22 -1.36
N ASP A 146 -22.24 -26.77 -2.50
CA ASP A 146 -21.44 -26.77 -3.73
C ASP A 146 -20.37 -25.69 -3.71
N MET A 147 -20.66 -24.52 -3.12
CA MET A 147 -19.63 -23.49 -3.02
C MET A 147 -18.46 -23.96 -2.17
N THR A 148 -18.75 -24.71 -1.09
CA THR A 148 -17.69 -25.23 -0.24
C THR A 148 -16.88 -26.32 -0.95
N ARG A 149 -17.54 -27.17 -1.73
CA ARG A 149 -16.80 -28.08 -2.60
C ARG A 149 -15.81 -27.33 -3.46
N LEU A 150 -16.24 -26.22 -4.05
CA LEU A 150 -15.38 -25.45 -4.94
C LEU A 150 -14.23 -24.79 -4.19
N THR A 151 -14.53 -24.07 -3.10
CA THR A 151 -13.47 -23.32 -2.46
C THR A 151 -12.48 -24.27 -1.81
N LEU A 152 -12.98 -25.38 -1.27
CA LEU A 152 -12.09 -26.38 -0.62
C LEU A 152 -11.13 -26.94 -1.68
N ASP A 153 -11.65 -27.34 -2.84
CA ASP A 153 -10.82 -27.92 -3.88
C ASP A 153 -9.85 -26.90 -4.44
N THR A 154 -10.29 -25.64 -4.56
CA THR A 154 -9.41 -24.62 -5.10
C THR A 154 -8.22 -24.36 -4.19
N ILE A 155 -8.43 -24.28 -2.87
CA ILE A 155 -7.30 -24.06 -1.97
C ILE A 155 -6.41 -25.30 -1.91
N GLY A 156 -7.00 -26.49 -1.93
CA GLY A 156 -6.17 -27.68 -1.99
C GLY A 156 -5.28 -27.70 -3.22
N LEU A 157 -5.83 -27.32 -4.37
CA LEU A 157 -5.05 -27.35 -5.61
C LEU A 157 -4.02 -26.22 -5.64
N CYS A 158 -4.45 -24.99 -5.32
CA CYS A 158 -3.50 -23.87 -5.30
C CYS A 158 -2.57 -23.92 -4.11
N GLY A 159 -3.02 -24.48 -2.99
CA GLY A 159 -2.19 -24.50 -1.80
C GLY A 159 -1.06 -25.51 -1.88
N PHE A 160 -1.36 -26.74 -2.31
CA PHE A 160 -0.33 -27.77 -2.31
C PHE A 160 -0.58 -28.86 -3.35
N ASN A 161 -1.19 -28.48 -4.48
CA ASN A 161 -1.38 -29.37 -5.63
C ASN A 161 -2.04 -30.69 -5.23
N TYR A 162 -3.02 -30.60 -4.34
CA TYR A 162 -3.73 -31.76 -3.85
C TYR A 162 -5.19 -31.65 -4.27
N ARG A 163 -5.74 -32.75 -4.77
CA ARG A 163 -7.11 -32.78 -5.27
C ARG A 163 -7.97 -33.49 -4.24
N PHE A 164 -8.76 -32.72 -3.50
CA PHE A 164 -9.78 -33.28 -2.62
C PHE A 164 -10.90 -33.95 -3.41
N ASN A 165 -11.08 -33.55 -4.67
CA ASN A 165 -12.08 -34.16 -5.55
C ASN A 165 -13.46 -34.13 -4.91
N SER A 166 -13.80 -32.97 -4.34
CA SER A 166 -15.05 -32.84 -3.61
C SER A 166 -16.27 -33.05 -4.52
N PHE A 167 -16.13 -32.78 -5.81
CA PHE A 167 -17.27 -32.98 -6.72
C PHE A 167 -17.47 -34.43 -7.11
N TYR A 168 -16.64 -35.34 -6.62
CA TYR A 168 -16.82 -36.76 -6.83
C TYR A 168 -17.36 -37.46 -5.59
N ARG A 169 -17.77 -36.70 -4.58
CA ARG A 169 -18.02 -37.27 -3.25
C ARG A 169 -19.28 -36.68 -2.65
N ASP A 170 -19.94 -37.52 -1.84
CA ASP A 170 -20.94 -37.11 -0.86
C ASP A 170 -20.29 -36.88 0.51
N GLN A 171 -19.54 -37.87 0.99
CA GLN A 171 -18.80 -37.75 2.24
C GLN A 171 -17.47 -37.05 1.99
N PRO A 172 -17.15 -35.98 2.72
CA PRO A 172 -15.93 -35.23 2.44
C PRO A 172 -14.67 -36.05 2.72
N HIS A 173 -13.58 -35.55 2.16
CA HIS A 173 -12.26 -36.12 2.40
C HIS A 173 -12.00 -36.22 3.91
N PRO A 174 -11.36 -37.30 4.37
CA PRO A 174 -11.12 -37.45 5.82
C PRO A 174 -10.47 -36.24 6.49
N PHE A 175 -9.62 -35.50 5.79
CA PHE A 175 -9.05 -34.29 6.38
C PHE A 175 -10.13 -33.28 6.72
N ILE A 176 -11.08 -33.08 5.81
CA ILE A 176 -12.14 -32.09 6.03
C ILE A 176 -13.00 -32.47 7.22
N THR A 177 -13.34 -33.75 7.34
CA THR A 177 -14.14 -34.21 8.47
C THR A 177 -13.49 -33.86 9.79
N SER A 178 -12.17 -34.06 9.91
CA SER A 178 -11.48 -33.70 11.13
C SER A 178 -11.36 -32.18 11.28
N MET A 179 -11.12 -31.46 10.19
CA MET A 179 -11.02 -30.01 10.28
C MET A 179 -12.34 -29.39 10.74
N VAL A 180 -13.43 -29.79 10.09
CA VAL A 180 -14.75 -29.27 10.47
C VAL A 180 -15.07 -29.64 11.91
N ARG A 181 -14.79 -30.89 12.29
CA ARG A 181 -15.08 -31.31 13.66
C ARG A 181 -14.17 -30.62 14.66
N ALA A 182 -12.94 -30.29 14.28
CA ALA A 182 -12.07 -29.52 15.16
C ALA A 182 -12.58 -28.09 15.32
N LEU A 183 -12.99 -27.45 14.22
CA LEU A 183 -13.58 -26.12 14.30
C LEU A 183 -14.86 -26.15 15.13
N ASP A 184 -15.64 -27.22 15.02
CA ASP A 184 -16.86 -27.36 15.81
C ASP A 184 -16.54 -27.39 17.30
N GLU A 185 -15.52 -28.17 17.67
CA GLU A 185 -15.09 -28.21 19.08
C GLU A 185 -14.59 -26.86 19.54
N ALA A 186 -13.81 -26.17 18.68
CA ALA A 186 -13.32 -24.84 19.04
C ALA A 186 -14.48 -23.88 19.32
N MET A 187 -15.49 -23.89 18.45
CA MET A 187 -16.65 -23.04 18.68
C MET A 187 -17.42 -23.47 19.92
N ASN A 188 -17.63 -24.77 20.09
CA ASN A 188 -18.41 -25.26 21.23
C ASN A 188 -17.75 -24.89 22.55
N LYS A 189 -16.41 -24.90 22.60
CA LYS A 189 -15.71 -24.53 23.82
C LYS A 189 -16.06 -23.13 24.28
N LEU A 190 -16.41 -22.23 23.34
CA LEU A 190 -16.75 -20.87 23.71
C LEU A 190 -18.04 -20.80 24.51
N GLN A 191 -19.03 -21.61 24.12
CA GLN A 191 -20.35 -21.62 24.72
C GLN A 191 -20.46 -22.61 25.86
N ARG A 192 -19.34 -23.22 26.25
CA ARG A 192 -19.33 -24.35 27.16
C ARG A 192 -19.16 -23.90 28.60
N TYR A 200 -16.99 -34.27 28.99
CA TYR A 200 -16.39 -33.74 27.78
C TYR A 200 -15.14 -34.54 27.38
N ASP A 201 -14.87 -35.65 28.08
CA ASP A 201 -13.69 -36.45 27.77
C ASP A 201 -13.75 -37.00 26.35
N GLU A 202 -14.94 -37.35 25.87
CA GLU A 202 -15.05 -37.82 24.49
C GLU A 202 -14.71 -36.70 23.52
N ASN A 203 -15.17 -35.49 23.81
CA ASN A 203 -14.84 -34.34 22.98
C ASN A 203 -13.32 -34.13 22.90
N LYS A 204 -12.63 -34.24 24.05
CA LYS A 204 -11.19 -34.03 24.06
C LYS A 204 -10.46 -35.12 23.27
N ARG A 205 -10.84 -36.38 23.50
CA ARG A 205 -10.20 -37.48 22.76
C ARG A 205 -10.43 -37.33 21.27
N GLN A 206 -11.65 -36.96 20.87
CA GLN A 206 -11.93 -36.73 19.46
C GLN A 206 -11.14 -35.55 18.92
N PHE A 207 -11.00 -34.49 19.73
CA PHE A 207 -10.27 -33.30 19.30
C PHE A 207 -8.82 -33.63 18.98
N GLN A 208 -8.17 -34.44 19.83
CA GLN A 208 -6.80 -34.82 19.58
C GLN A 208 -6.68 -35.77 18.38
N GLU A 209 -7.67 -36.63 18.19
CA GLU A 209 -7.67 -37.49 17.01
C GLU A 209 -7.75 -36.68 15.72
N ASP A 210 -8.59 -35.64 15.71
CA ASP A 210 -8.73 -34.81 14.52
C ASP A 210 -7.45 -34.02 14.25
N ILE A 211 -6.79 -33.54 15.32
CA ILE A 211 -5.51 -32.87 15.16
C ILE A 211 -4.50 -33.80 14.49
N LYS A 212 -4.49 -35.07 14.89
CA LYS A 212 -3.54 -36.02 14.32
C LYS A 212 -3.83 -36.28 12.85
N VAL A 213 -5.12 -36.38 12.49
CA VAL A 213 -5.49 -36.57 11.09
C VAL A 213 -4.97 -35.42 10.23
N MET A 214 -5.17 -34.19 10.71
CA MET A 214 -4.76 -33.02 9.93
C MET A 214 -3.24 -32.97 9.79
N ASN A 215 -2.52 -33.14 10.91
CA ASN A 215 -1.06 -33.12 10.88
C ASN A 215 -0.52 -34.22 9.99
N ASP A 216 -1.06 -35.44 10.13
CA ASP A 216 -0.53 -36.59 9.38
C ASP A 216 -0.60 -36.36 7.88
N LEU A 217 -1.78 -35.97 7.38
CA LEU A 217 -1.93 -35.80 5.94
C LEU A 217 -1.08 -34.65 5.42
N VAL A 218 -1.04 -33.53 6.13
CA VAL A 218 -0.28 -32.38 5.67
C VAL A 218 1.22 -32.67 5.76
N ASP A 219 1.68 -33.24 6.87
CA ASP A 219 3.09 -33.62 6.97
C ASP A 219 3.49 -34.59 5.86
N LYS A 220 2.59 -35.51 5.53
CA LYS A 220 2.86 -36.47 4.46
C LYS A 220 3.00 -35.78 3.11
N ILE A 221 2.10 -34.83 2.81
CA ILE A 221 2.19 -34.11 1.54
C ILE A 221 3.47 -33.31 1.47
N ILE A 222 3.86 -32.66 2.58
CA ILE A 222 5.12 -31.94 2.62
C ILE A 222 6.28 -32.90 2.40
N ALA A 223 6.29 -34.02 3.14
CA ALA A 223 7.37 -34.99 2.97
C ALA A 223 7.41 -35.53 1.54
N ASP A 224 6.25 -35.88 0.99
CA ASP A 224 6.17 -36.34 -0.40
C ASP A 224 6.76 -35.30 -1.35
N ARG A 225 6.40 -34.03 -1.18
CA ARG A 225 6.89 -33.00 -2.08
C ARG A 225 8.41 -32.88 -2.00
N LYS A 226 8.97 -32.90 -0.78
CA LYS A 226 10.43 -32.83 -0.65
C LYS A 226 11.09 -34.06 -1.25
N ALA A 227 10.52 -35.24 -1.03
CA ALA A 227 11.05 -36.46 -1.62
C ALA A 227 10.97 -36.41 -3.14
N SER A 228 9.84 -35.92 -3.67
CA SER A 228 9.67 -35.84 -5.12
C SER A 228 10.61 -34.81 -5.74
N GLY A 229 10.79 -33.67 -5.08
CA GLY A 229 11.55 -32.58 -5.65
C GLY A 229 10.85 -31.81 -6.74
N GLU A 230 9.59 -32.14 -7.02
CA GLU A 230 8.87 -31.49 -8.11
C GLU A 230 8.47 -30.07 -7.73
N GLN A 231 8.35 -29.22 -8.75
CA GLN A 231 8.02 -27.81 -8.59
C GLN A 231 6.67 -27.55 -9.24
N SER A 232 5.71 -27.09 -8.46
CA SER A 232 4.40 -26.73 -8.96
C SER A 232 4.18 -25.23 -8.80
N ASP A 233 3.04 -24.76 -9.28
CA ASP A 233 2.63 -23.36 -9.12
C ASP A 233 1.79 -23.17 -7.87
N ASP A 234 2.17 -23.79 -6.76
CA ASP A 234 1.36 -23.76 -5.54
C ASP A 234 2.12 -23.10 -4.40
N LEU A 235 1.37 -22.83 -3.32
CA LEU A 235 1.94 -22.18 -2.15
C LEU A 235 2.98 -23.04 -1.45
N LEU A 236 2.83 -24.38 -1.52
CA LEU A 236 3.80 -25.25 -0.86
C LEU A 236 5.19 -25.08 -1.48
N THR A 237 5.26 -24.99 -2.82
CA THR A 237 6.55 -24.78 -3.47
C THR A 237 7.20 -23.48 -3.00
N HIS A 238 6.41 -22.40 -2.97
CA HIS A 238 6.95 -21.12 -2.51
C HIS A 238 7.47 -21.21 -1.08
N MET A 239 6.75 -21.96 -0.22
CA MET A 239 7.19 -22.04 1.17
C MET A 239 8.43 -22.92 1.33
N LEU A 240 8.57 -23.97 0.50
CA LEU A 240 9.76 -24.80 0.58
C LEU A 240 10.99 -24.08 0.04
N ASN A 241 10.80 -23.13 -0.88
CA ASN A 241 11.92 -22.44 -1.51
C ASN A 241 12.12 -21.02 -1.01
N GLY A 242 11.15 -20.44 -0.31
CA GLY A 242 11.23 -19.05 0.06
C GLY A 242 12.14 -18.82 1.25
N LYS A 243 12.70 -17.62 1.31
CA LYS A 243 13.49 -17.17 2.45
C LYS A 243 13.02 -15.80 2.86
N ASP A 244 12.83 -15.60 4.15
CA ASP A 244 12.48 -14.31 4.71
C ASP A 244 13.58 -13.31 4.41
N PRO A 245 13.30 -12.23 3.68
CA PRO A 245 14.36 -11.23 3.42
C PRO A 245 14.97 -10.66 4.69
N GLU A 246 14.20 -10.57 5.77
CA GLU A 246 14.69 -9.95 7.00
C GLU A 246 15.69 -10.85 7.72
N THR A 247 15.23 -12.02 8.20
CA THR A 247 16.10 -12.93 8.91
C THR A 247 16.98 -13.77 7.97
N GLY A 248 16.62 -13.85 6.69
CA GLY A 248 17.30 -14.74 5.78
C GLY A 248 16.93 -16.20 5.95
N GLU A 249 15.96 -16.54 6.86
CA GLU A 249 15.58 -17.90 7.16
C GLU A 249 14.37 -18.35 6.35
N PRO A 250 14.29 -19.63 6.03
CA PRO A 250 13.05 -20.21 5.50
C PRO A 250 12.14 -20.67 6.62
N LEU A 251 10.89 -20.91 6.28
CA LEU A 251 9.98 -21.56 7.21
C LEU A 251 10.38 -23.02 7.42
N ASP A 252 10.28 -23.49 8.66
CA ASP A 252 10.51 -24.92 8.88
C ASP A 252 9.26 -25.74 8.52
N ASP A 253 9.45 -27.05 8.47
CA ASP A 253 8.41 -27.94 7.97
C ASP A 253 7.17 -27.91 8.87
N GLU A 254 7.35 -27.76 10.18
CA GLU A 254 6.19 -27.70 11.07
C GLU A 254 5.36 -26.45 10.81
N ASN A 255 6.02 -25.30 10.63
CA ASN A 255 5.26 -24.09 10.36
C ASN A 255 4.59 -24.14 9.00
N ILE A 256 5.27 -24.69 7.99
CA ILE A 256 4.63 -24.85 6.68
C ILE A 256 3.35 -25.65 6.80
N ARG A 257 3.37 -26.71 7.62
CA ARG A 257 2.15 -27.48 7.88
C ARG A 257 1.06 -26.59 8.46
N TYR A 258 1.40 -25.80 9.47
CA TYR A 258 0.40 -24.92 10.08
C TYR A 258 -0.12 -23.89 9.08
N GLN A 259 0.74 -23.38 8.20
CA GLN A 259 0.27 -22.47 7.16
C GLN A 259 -0.73 -23.17 6.23
N ILE A 260 -0.45 -24.41 5.85
CA ILE A 260 -1.35 -25.12 4.96
C ILE A 260 -2.69 -25.36 5.65
N ILE A 261 -2.65 -25.82 6.90
CA ILE A 261 -3.88 -25.98 7.68
C ILE A 261 -4.62 -24.64 7.79
N THR A 262 -3.87 -23.56 7.98
CA THR A 262 -4.48 -22.23 8.09
C THR A 262 -5.20 -21.83 6.81
N PHE A 263 -4.56 -22.06 5.65
CA PHE A 263 -5.20 -21.73 4.38
C PHE A 263 -6.52 -22.46 4.22
N LEU A 264 -6.56 -23.74 4.58
CA LEU A 264 -7.79 -24.51 4.47
C LEU A 264 -8.85 -24.01 5.43
N ILE A 265 -8.47 -23.69 6.67
CA ILE A 265 -9.43 -23.13 7.63
C ILE A 265 -9.85 -21.73 7.22
N ALA A 266 -8.88 -20.83 7.08
CA ALA A 266 -9.18 -19.41 6.96
C ALA A 266 -9.87 -19.06 5.66
N GLY A 267 -9.62 -19.83 4.61
CA GLY A 267 -10.11 -19.45 3.29
C GLY A 267 -11.35 -20.15 2.79
N HIS A 268 -11.54 -21.43 3.13
CA HIS A 268 -12.54 -22.23 2.43
C HIS A 268 -13.96 -21.80 2.79
N GLU A 269 -14.23 -21.51 4.07
CA GLU A 269 -15.61 -21.32 4.50
C GLU A 269 -16.03 -19.87 4.40
N THR A 270 -15.08 -18.98 4.67
CA THR A 270 -15.27 -17.56 4.41
C THR A 270 -15.57 -17.34 2.94
N THR A 271 -14.78 -17.94 2.06
CA THR A 271 -14.97 -17.69 0.63
C THR A 271 -16.24 -18.34 0.12
N SER A 272 -16.53 -19.57 0.56
CA SER A 272 -17.77 -20.18 0.07
C SER A 272 -18.99 -19.46 0.64
N GLY A 273 -18.90 -18.97 1.88
CA GLY A 273 -19.96 -18.14 2.41
C GLY A 273 -20.19 -16.90 1.58
N LEU A 274 -19.11 -16.27 1.14
CA LEU A 274 -19.24 -15.09 0.27
C LEU A 274 -19.98 -15.43 -1.02
N LEU A 275 -19.58 -16.52 -1.69
CA LEU A 275 -20.26 -16.90 -2.91
C LEU A 275 -21.73 -17.21 -2.62
N SER A 276 -22.00 -17.90 -1.51
CA SER A 276 -23.38 -18.26 -1.17
C SER A 276 -24.22 -17.03 -0.90
N PHE A 277 -23.71 -16.11 -0.07
CA PHE A 277 -24.44 -14.88 0.20
C PHE A 277 -24.60 -14.04 -1.06
N ALA A 278 -23.56 -13.96 -1.90
CA ALA A 278 -23.67 -13.19 -3.14
C ALA A 278 -24.80 -13.72 -4.02
N LEU A 279 -24.84 -15.03 -4.25
CA LEU A 279 -25.91 -15.59 -5.07
C LEU A 279 -27.27 -15.40 -4.41
N TYR A 280 -27.33 -15.52 -3.08
CA TYR A 280 -28.58 -15.24 -2.37
C TYR A 280 -29.05 -13.82 -2.66
N PHE A 281 -28.17 -12.83 -2.49
CA PHE A 281 -28.60 -11.46 -2.72
C PHE A 281 -28.94 -11.21 -4.19
N LEU A 282 -28.24 -11.88 -5.12
CA LEU A 282 -28.55 -11.70 -6.53
C LEU A 282 -29.96 -12.21 -6.86
N VAL A 283 -30.30 -13.42 -6.41
CA VAL A 283 -31.63 -13.93 -6.75
C VAL A 283 -32.73 -13.20 -5.99
N LYS A 284 -32.40 -12.55 -4.86
CA LYS A 284 -33.38 -11.73 -4.17
C LYS A 284 -33.48 -10.32 -4.76
N ASN A 285 -32.59 -9.95 -5.68
CA ASN A 285 -32.57 -8.63 -6.30
C ASN A 285 -32.39 -8.80 -7.81
N PRO A 286 -33.45 -9.19 -8.52
CA PRO A 286 -33.32 -9.57 -9.94
C PRO A 286 -32.74 -8.49 -10.82
N HIS A 287 -32.98 -7.20 -10.51
CA HIS A 287 -32.38 -6.14 -11.31
C HIS A 287 -30.86 -6.14 -11.19
N VAL A 288 -30.37 -6.41 -9.98
CA VAL A 288 -28.93 -6.50 -9.76
C VAL A 288 -28.36 -7.73 -10.46
N LEU A 289 -29.05 -8.87 -10.34
CA LEU A 289 -28.60 -10.08 -11.04
C LEU A 289 -28.51 -9.82 -12.54
N GLN A 290 -29.52 -9.18 -13.11
CA GLN A 290 -29.51 -8.92 -14.55
C GLN A 290 -28.31 -8.07 -14.94
N LYS A 291 -28.03 -7.02 -14.16
CA LYS A 291 -26.89 -6.17 -14.44
C LYS A 291 -25.58 -6.96 -14.36
N ALA A 292 -25.44 -7.82 -13.35
CA ALA A 292 -24.24 -8.64 -13.23
C ALA A 292 -24.16 -9.67 -14.36
N ALA A 293 -25.31 -10.26 -14.73
CA ALA A 293 -25.30 -11.23 -15.83
C ALA A 293 -24.97 -10.56 -17.15
N GLU A 294 -25.41 -9.31 -17.33
CA GLU A 294 -25.06 -8.57 -18.54
C GLU A 294 -23.56 -8.35 -18.63
N GLU A 295 -22.92 -8.02 -17.51
CA GLU A 295 -21.46 -7.85 -17.51
C GLU A 295 -20.76 -9.16 -17.81
N ALA A 296 -21.20 -10.25 -17.19
CA ALA A 296 -20.58 -11.55 -17.43
C ALA A 296 -20.60 -11.91 -18.90
N ALA A 297 -21.75 -11.74 -19.56
CA ALA A 297 -21.87 -12.10 -20.97
C ALA A 297 -21.02 -11.18 -21.84
N ARG A 298 -20.92 -9.90 -21.48
CA ARG A 298 -20.13 -8.98 -22.29
C ARG A 298 -18.63 -9.22 -22.11
N VAL A 299 -18.21 -9.59 -20.91
CA VAL A 299 -16.78 -9.70 -20.63
C VAL A 299 -16.24 -11.09 -20.92
N LEU A 300 -16.99 -12.14 -20.59
CA LEU A 300 -16.49 -13.51 -20.70
C LEU A 300 -16.81 -14.07 -22.09
N VAL A 301 -16.06 -13.57 -23.07
CA VAL A 301 -16.34 -13.90 -24.48
C VAL A 301 -15.65 -15.18 -24.93
N ASP A 302 -14.81 -15.79 -24.10
CA ASP A 302 -14.13 -17.03 -24.43
C ASP A 302 -14.69 -18.20 -23.62
N PRO A 303 -14.52 -19.43 -24.10
CA PRO A 303 -15.06 -20.59 -23.35
C PRO A 303 -14.48 -20.70 -21.96
N VAL A 304 -13.25 -20.21 -21.75
CA VAL A 304 -12.58 -20.24 -20.46
C VAL A 304 -12.22 -18.81 -20.10
N PRO A 305 -12.59 -18.31 -18.93
CA PRO A 305 -12.17 -16.96 -18.55
C PRO A 305 -10.66 -16.87 -18.40
N SER A 306 -10.10 -15.76 -18.82
CA SER A 306 -8.71 -15.45 -18.59
C SER A 306 -8.56 -14.63 -17.33
N TYR A 307 -7.31 -14.50 -16.85
CA TYR A 307 -7.04 -13.65 -15.71
C TYR A 307 -7.49 -12.21 -15.98
N LYS A 308 -7.15 -11.70 -17.16
CA LYS A 308 -7.45 -10.31 -17.48
C LYS A 308 -8.96 -10.08 -17.52
N GLN A 309 -9.71 -11.07 -18.01
CA GLN A 309 -11.16 -10.94 -18.07
C GLN A 309 -11.77 -10.85 -16.68
N VAL A 310 -11.25 -11.62 -15.72
CA VAL A 310 -11.78 -11.57 -14.36
C VAL A 310 -11.58 -10.19 -13.76
N LYS A 311 -10.43 -9.56 -14.03
CA LYS A 311 -10.22 -8.18 -13.57
C LYS A 311 -11.21 -7.21 -14.19
N GLN A 312 -11.79 -7.55 -15.35
CA GLN A 312 -12.77 -6.69 -16.01
C GLN A 312 -14.18 -6.85 -15.45
N LEU A 313 -14.43 -7.83 -14.58
CA LEU A 313 -15.76 -8.04 -14.01
C LEU A 313 -15.95 -7.06 -12.86
N LYS A 314 -16.06 -5.77 -13.22
CA LYS A 314 -16.14 -4.70 -12.23
C LYS A 314 -17.40 -4.81 -11.38
N TYR A 315 -18.55 -4.97 -12.03
CA TYR A 315 -19.80 -5.00 -11.29
C TYR A 315 -19.90 -6.26 -10.43
N VAL A 316 -19.40 -7.38 -10.95
CA VAL A 316 -19.34 -8.59 -10.12
C VAL A 316 -18.50 -8.33 -8.88
N GLY A 317 -17.39 -7.60 -9.02
CA GLY A 317 -16.60 -7.25 -7.85
C GLY A 317 -17.36 -6.39 -6.86
N MET A 318 -18.18 -5.48 -7.36
CA MET A 318 -19.03 -4.66 -6.48
C MET A 318 -20.08 -5.52 -5.80
N VAL A 319 -20.65 -6.48 -6.52
CA VAL A 319 -21.60 -7.43 -5.92
C VAL A 319 -20.96 -8.14 -4.74
N LEU A 320 -19.73 -8.63 -4.93
CA LEU A 320 -19.06 -9.34 -3.85
C LEU A 320 -18.76 -8.41 -2.67
N ASN A 321 -18.36 -7.18 -2.95
CA ASN A 321 -18.11 -6.25 -1.85
C ASN A 321 -19.38 -5.95 -1.08
N GLU A 322 -20.50 -5.78 -1.78
CA GLU A 322 -21.75 -5.50 -1.09
C GLU A 322 -22.23 -6.72 -0.30
N ALA A 323 -21.95 -7.92 -0.82
CA ALA A 323 -22.25 -9.13 -0.05
C ALA A 323 -21.39 -9.20 1.20
N LEU A 324 -20.10 -8.83 1.07
CA LEU A 324 -19.23 -8.73 2.24
C LEU A 324 -19.67 -7.65 3.19
N ARG A 325 -20.27 -6.57 2.69
CA ARG A 325 -20.75 -5.53 3.59
C ARG A 325 -21.85 -6.08 4.49
N LEU A 326 -22.86 -6.71 3.90
CA LEU A 326 -24.00 -7.15 4.69
C LEU A 326 -23.65 -8.35 5.56
N TRP A 327 -22.93 -9.33 5.03
CA TRP A 327 -22.60 -10.53 5.79
C TRP A 327 -21.13 -10.90 5.61
N PRO A 328 -20.25 -10.17 6.27
CA PRO A 328 -18.82 -10.51 6.25
C PRO A 328 -18.63 -11.87 6.92
N THR A 329 -18.05 -12.81 6.17
CA THR A 329 -18.09 -14.20 6.61
C THR A 329 -17.06 -14.54 7.67
N ALA A 330 -16.08 -13.67 7.93
CA ALA A 330 -15.26 -13.77 9.13
C ALA A 330 -15.69 -12.60 10.00
N PRO A 331 -16.71 -12.76 10.85
CA PRO A 331 -17.51 -11.61 11.28
C PRO A 331 -16.89 -10.75 12.37
N ALA A 332 -15.71 -11.08 12.90
CA ALA A 332 -15.15 -10.23 13.94
C ALA A 332 -13.65 -10.43 13.99
N PHE A 333 -12.96 -9.45 14.56
CA PHE A 333 -11.57 -9.64 14.95
C PHE A 333 -11.32 -8.88 16.25
N SER A 334 -10.21 -9.21 16.90
CA SER A 334 -9.93 -8.76 18.25
C SER A 334 -8.64 -7.95 18.26
N LEU A 335 -8.60 -6.95 19.14
CA LEU A 335 -7.47 -6.04 19.27
C LEU A 335 -7.18 -5.83 20.74
N TYR A 336 -5.94 -5.45 21.05
CA TYR A 336 -5.60 -5.02 22.39
C TYR A 336 -4.86 -3.70 22.33
N ALA A 337 -5.04 -2.90 23.37
CA ALA A 337 -4.38 -1.61 23.45
C ALA A 337 -2.90 -1.81 23.79
N LYS A 338 -2.02 -1.29 22.93
CA LYS A 338 -0.58 -1.40 23.17
C LYS A 338 -0.15 -0.57 24.39
N GLU A 339 -0.82 0.55 24.64
CA GLU A 339 -0.57 1.38 25.82
C GLU A 339 -1.91 1.95 26.30
N ASP A 340 -1.86 2.60 27.46
CA ASP A 340 -3.00 3.40 27.91
C ASP A 340 -3.40 4.37 26.81
N THR A 341 -4.70 4.47 26.56
CA THR A 341 -5.19 5.35 25.50
C THR A 341 -6.69 5.59 25.72
N VAL A 342 -7.20 6.64 25.09
CA VAL A 342 -8.60 7.03 25.21
C VAL A 342 -9.28 6.82 23.87
N LEU A 343 -10.35 6.04 23.87
CA LEU A 343 -11.09 5.73 22.66
C LEU A 343 -12.25 6.71 22.51
N GLY A 344 -12.33 7.36 21.35
CA GLY A 344 -13.46 8.23 21.06
C GLY A 344 -13.60 9.40 22.02
N GLY A 345 -12.54 9.74 22.75
CA GLY A 345 -12.57 10.85 23.68
C GLY A 345 -13.39 10.66 24.92
N GLU A 346 -13.89 9.45 25.21
CA GLU A 346 -14.73 9.29 26.39
C GLU A 346 -14.57 7.92 27.04
N TYR A 347 -13.86 7.00 26.39
CA TYR A 347 -13.71 5.63 26.91
C TYR A 347 -12.24 5.37 27.19
N PRO A 348 -11.78 5.59 28.42
CA PRO A 348 -10.36 5.35 28.72
C PRO A 348 -10.06 3.86 28.79
N LEU A 349 -8.98 3.47 28.12
CA LEU A 349 -8.54 2.08 28.05
C LEU A 349 -7.15 1.99 28.67
N GLU A 350 -6.93 0.91 29.42
CA GLU A 350 -5.60 0.64 29.95
C GLU A 350 -4.85 -0.32 29.02
N LYS A 351 -3.53 -0.28 29.11
CA LYS A 351 -2.69 -1.17 28.32
C LYS A 351 -3.16 -2.61 28.47
N GLY A 352 -3.28 -3.30 27.35
CA GLY A 352 -3.75 -4.68 27.35
C GLY A 352 -5.25 -4.84 27.27
N ASP A 353 -6.03 -3.78 27.45
CA ASP A 353 -7.49 -3.88 27.34
C ASP A 353 -7.87 -4.32 25.94
N GLU A 354 -8.90 -5.16 25.85
CA GLU A 354 -9.26 -5.83 24.61
C GLU A 354 -10.47 -5.18 23.96
N LEU A 355 -10.51 -5.25 22.63
CA LEU A 355 -11.61 -4.77 21.81
C LEU A 355 -12.03 -5.86 20.85
N MET A 356 -13.32 -5.96 20.57
CA MET A 356 -13.83 -6.79 19.49
C MET A 356 -14.48 -5.89 18.46
N VAL A 357 -14.15 -6.09 17.20
CA VAL A 357 -14.75 -5.35 16.11
C VAL A 357 -15.86 -6.21 15.53
N LEU A 358 -17.11 -5.77 15.72
CA LEU A 358 -18.28 -6.50 15.24
C LEU A 358 -18.55 -6.05 13.81
N ILE A 359 -17.95 -6.75 12.85
CA ILE A 359 -17.93 -6.27 11.48
C ILE A 359 -19.33 -6.10 10.88
N PRO A 360 -20.26 -7.04 11.01
CA PRO A 360 -21.58 -6.83 10.39
C PRO A 360 -22.28 -5.57 10.92
N GLN A 361 -22.06 -5.22 12.19
CA GLN A 361 -22.65 -4.01 12.73
C GLN A 361 -21.97 -2.76 12.18
N LEU A 362 -20.63 -2.78 12.13
CA LEU A 362 -19.90 -1.69 11.51
C LEU A 362 -20.45 -1.38 10.13
N HIS A 363 -20.68 -2.42 9.33
CA HIS A 363 -21.13 -2.27 7.96
C HIS A 363 -22.59 -1.84 7.86
N ARG A 364 -23.28 -1.65 8.98
CA ARG A 364 -24.64 -1.14 9.01
C ARG A 364 -24.70 0.25 9.66
N ASP A 365 -23.55 0.91 9.81
CA ASP A 365 -23.47 2.24 10.38
C ASP A 365 -24.16 3.23 9.45
N LYS A 366 -25.36 3.69 9.84
CA LYS A 366 -26.12 4.57 8.95
C LYS A 366 -25.42 5.91 8.72
N THR A 367 -24.57 6.36 9.65
CA THR A 367 -23.84 7.59 9.40
C THR A 367 -22.85 7.46 8.26
N ILE A 368 -22.55 6.23 7.84
CA ILE A 368 -21.64 5.99 6.73
C ILE A 368 -22.41 5.65 5.45
N TRP A 369 -23.36 4.73 5.53
CA TRP A 369 -23.97 4.17 4.34
C TRP A 369 -25.32 4.79 4.00
N GLY A 370 -25.88 5.62 4.87
CA GLY A 370 -27.22 6.14 4.67
C GLY A 370 -28.26 5.28 5.34
N ASP A 371 -29.52 5.67 5.15
CA ASP A 371 -30.62 4.99 5.83
C ASP A 371 -30.95 3.63 5.22
N ASP A 372 -30.55 3.38 3.99
CA ASP A 372 -30.87 2.13 3.29
C ASP A 372 -29.84 1.04 3.55
N VAL A 373 -29.33 0.91 4.79
CA VAL A 373 -28.20 0.02 5.05
C VAL A 373 -28.53 -1.44 4.77
N GLU A 374 -29.80 -1.83 4.90
CA GLU A 374 -30.15 -3.22 4.72
C GLU A 374 -30.37 -3.59 3.26
N GLU A 375 -30.40 -2.62 2.35
CA GLU A 375 -30.64 -2.90 0.95
C GLU A 375 -29.35 -3.33 0.27
N PHE A 376 -29.49 -4.24 -0.70
CA PHE A 376 -28.34 -4.77 -1.43
C PHE A 376 -28.14 -3.91 -2.68
N ARG A 377 -27.12 -3.06 -2.65
CA ARG A 377 -26.87 -2.11 -3.75
C ARG A 377 -25.37 -2.09 -4.03
N PRO A 378 -24.91 -2.91 -4.95
CA PRO A 378 -23.46 -2.93 -5.27
C PRO A 378 -22.94 -1.58 -5.69
N GLU A 379 -23.81 -0.70 -6.19
CA GLU A 379 -23.40 0.64 -6.63
C GLU A 379 -22.78 1.47 -5.52
N ARG A 380 -22.95 1.08 -4.24
CA ARG A 380 -22.25 1.78 -3.17
C ARG A 380 -20.75 1.77 -3.37
N PHE A 381 -20.23 0.81 -4.12
CA PHE A 381 -18.80 0.61 -4.24
C PHE A 381 -18.24 1.11 -5.56
N GLU A 382 -18.96 2.02 -6.24
CA GLU A 382 -18.45 2.61 -7.49
C GLU A 382 -17.06 3.21 -7.30
N ASN A 383 -16.89 4.02 -6.26
CA ASN A 383 -15.61 4.67 -5.99
C ASN A 383 -15.11 4.40 -4.57
N PRO A 384 -14.00 3.67 -4.40
CA PRO A 384 -13.51 3.41 -3.05
C PRO A 384 -13.10 4.66 -2.28
N SER A 385 -12.70 5.72 -3.00
CA SER A 385 -12.30 6.96 -2.34
C SER A 385 -13.47 7.65 -1.63
N ALA A 386 -14.70 7.42 -2.07
CA ALA A 386 -15.86 8.02 -1.41
C ALA A 386 -16.14 7.38 -0.05
N ILE A 387 -15.73 6.13 0.14
CA ILE A 387 -15.99 5.43 1.40
C ILE A 387 -15.04 5.94 2.48
N PRO A 388 -15.56 6.32 3.65
CA PRO A 388 -14.68 6.83 4.72
C PRO A 388 -13.70 5.78 5.21
N GLN A 389 -12.61 6.27 5.79
CA GLN A 389 -11.53 5.39 6.22
C GLN A 389 -12.03 4.43 7.29
N HIS A 390 -11.75 3.14 7.10
CA HIS A 390 -12.08 2.08 8.05
C HIS A 390 -13.57 1.83 8.20
N ALA A 391 -14.37 2.22 7.21
CA ALA A 391 -15.79 1.92 7.24
C ALA A 391 -16.10 0.50 6.79
N PHE A 392 -15.21 -0.11 6.01
CA PHE A 392 -15.46 -1.39 5.34
C PHE A 392 -14.26 -2.29 5.64
N LYS A 393 -14.45 -3.28 6.52
CA LYS A 393 -13.33 -4.08 7.03
C LYS A 393 -13.61 -5.59 6.98
N PRO A 394 -14.11 -6.12 5.85
CA PRO A 394 -14.38 -7.57 5.80
C PRO A 394 -13.11 -8.41 5.85
N PHE A 395 -11.95 -7.83 5.56
CA PHE A 395 -10.68 -8.55 5.55
C PHE A 395 -9.75 -8.08 6.65
N GLY A 396 -10.29 -7.50 7.72
CA GLY A 396 -9.46 -7.13 8.84
C GLY A 396 -8.71 -5.84 8.57
N ASN A 397 -7.58 -5.67 9.26
CA ASN A 397 -6.94 -4.37 9.30
C ASN A 397 -5.42 -4.46 9.30
N GLY A 398 -4.78 -3.54 8.57
CA GLY A 398 -3.36 -3.27 8.68
C GLY A 398 -2.51 -4.45 8.27
N GLN A 399 -1.37 -4.61 8.94
CA GLN A 399 -0.48 -5.72 8.63
C GLN A 399 -1.08 -7.06 9.03
N ARG A 400 -2.09 -7.08 9.89
CA ARG A 400 -2.79 -8.31 10.24
C ARG A 400 -4.06 -8.51 9.42
N ALA A 401 -4.19 -7.79 8.30
CA ALA A 401 -5.32 -8.00 7.41
C ALA A 401 -5.18 -9.35 6.69
N CYS A 402 -6.28 -9.75 6.05
CA CYS A 402 -6.33 -11.04 5.38
C CYS A 402 -5.29 -11.13 4.27
N ILE A 403 -4.35 -12.07 4.41
CA ILE A 403 -3.35 -12.22 3.36
C ILE A 403 -3.98 -12.84 2.12
N GLY A 404 -5.11 -13.54 2.28
CA GLY A 404 -5.74 -14.21 1.15
C GLY A 404 -6.81 -13.40 0.47
N GLN A 405 -6.85 -12.09 0.70
CA GLN A 405 -7.92 -11.25 0.14
C GLN A 405 -7.95 -11.30 -1.38
N GLN A 406 -6.79 -11.14 -2.03
CA GLN A 406 -6.78 -11.18 -3.49
C GLN A 406 -7.14 -12.57 -4.01
N PHE A 407 -6.72 -13.61 -3.28
CA PHE A 407 -7.08 -14.97 -3.65
C PHE A 407 -8.59 -15.16 -3.58
N ALA A 408 -9.20 -14.80 -2.45
CA ALA A 408 -10.63 -15.00 -2.27
C ALA A 408 -11.43 -14.24 -3.30
N LEU A 409 -11.07 -12.99 -3.58
CA LEU A 409 -11.86 -12.19 -4.51
C LEU A 409 -11.62 -12.62 -5.95
N HIS A 410 -10.41 -13.08 -6.29
CA HIS A 410 -10.22 -13.59 -7.64
C HIS A 410 -11.02 -14.86 -7.86
N GLU A 411 -10.95 -15.79 -6.90
CA GLU A 411 -11.73 -17.02 -6.98
C GLU A 411 -13.22 -16.70 -7.04
N ALA A 412 -13.70 -15.84 -6.15
CA ALA A 412 -15.14 -15.57 -6.10
C ALA A 412 -15.60 -14.83 -7.35
N THR A 413 -14.77 -13.92 -7.87
CA THR A 413 -15.17 -13.19 -9.07
C THR A 413 -15.19 -14.12 -10.28
N LEU A 414 -14.17 -14.96 -10.43
CA LEU A 414 -14.15 -15.92 -11.52
C LEU A 414 -15.37 -16.82 -11.47
N VAL A 415 -15.64 -17.40 -10.30
CA VAL A 415 -16.70 -18.40 -10.19
C VAL A 415 -18.07 -17.75 -10.39
N LEU A 416 -18.30 -16.61 -9.73
CA LEU A 416 -19.59 -15.94 -9.89
C LEU A 416 -19.79 -15.49 -11.33
N GLY A 417 -18.72 -15.01 -11.97
CA GLY A 417 -18.82 -14.61 -13.37
C GLY A 417 -19.22 -15.76 -14.27
N MET A 418 -18.61 -16.93 -14.06
CA MET A 418 -18.96 -18.09 -14.88
C MET A 418 -20.38 -18.54 -14.60
N MET A 419 -20.80 -18.51 -13.32
CA MET A 419 -22.17 -18.89 -12.99
C MET A 419 -23.17 -17.99 -13.69
N LEU A 420 -22.92 -16.68 -13.67
CA LEU A 420 -23.84 -15.74 -14.29
C LEU A 420 -23.82 -15.82 -15.81
N LYS A 421 -22.68 -16.21 -16.38
CA LYS A 421 -22.63 -16.40 -17.83
C LYS A 421 -23.43 -17.61 -18.26
N HIS A 422 -23.36 -18.70 -17.49
CA HIS A 422 -23.81 -19.99 -17.97
C HIS A 422 -25.22 -20.38 -17.57
N PHE A 423 -25.81 -19.73 -16.56
CA PHE A 423 -27.11 -20.16 -16.05
C PHE A 423 -28.01 -18.98 -15.72
N ASP A 424 -29.32 -19.19 -15.89
CA ASP A 424 -30.32 -18.40 -15.22
C ASP A 424 -30.72 -19.10 -13.93
N PHE A 425 -30.95 -18.32 -12.88
CA PHE A 425 -31.24 -18.86 -11.56
C PHE A 425 -32.66 -18.54 -11.13
N GLU A 426 -33.28 -19.50 -10.44
CA GLU A 426 -34.62 -19.35 -9.89
C GLU A 426 -34.58 -19.61 -8.40
N ASP A 427 -35.12 -18.68 -7.62
CA ASP A 427 -35.34 -18.85 -6.18
C ASP A 427 -36.65 -19.62 -6.01
N HIS A 428 -36.58 -20.93 -6.31
CA HIS A 428 -37.80 -21.71 -6.52
C HIS A 428 -38.56 -21.99 -5.23
N THR A 429 -37.91 -21.89 -4.07
CA THR A 429 -38.57 -22.10 -2.79
C THR A 429 -38.93 -20.79 -2.09
N ASN A 430 -38.65 -19.64 -2.71
CA ASN A 430 -38.73 -18.35 -2.02
C ASN A 430 -37.98 -18.43 -0.69
N TYR A 431 -36.69 -18.73 -0.81
CA TYR A 431 -35.88 -19.11 0.34
C TYR A 431 -35.88 -18.02 1.39
N GLU A 432 -36.13 -18.40 2.64
CA GLU A 432 -36.09 -17.49 3.77
C GLU A 432 -34.70 -17.55 4.40
N LEU A 433 -34.02 -16.40 4.44
CA LEU A 433 -32.63 -16.36 4.91
C LEU A 433 -32.53 -16.90 6.33
N ASP A 434 -31.65 -17.88 6.50
CA ASP A 434 -31.39 -18.51 7.78
C ASP A 434 -29.87 -18.69 7.87
N ILE A 435 -29.23 -17.89 8.70
CA ILE A 435 -27.77 -17.81 8.73
C ILE A 435 -27.26 -18.75 9.82
N LYS A 436 -26.63 -19.84 9.40
CA LYS A 436 -26.02 -20.76 10.35
C LYS A 436 -24.65 -20.21 10.75
N GLU A 437 -24.33 -20.34 12.03
CA GLU A 437 -23.10 -19.78 12.57
C GLU A 437 -22.19 -20.90 13.02
N THR A 438 -20.99 -20.93 12.45
CA THR A 438 -19.85 -21.64 13.02
C THR A 438 -18.88 -20.59 13.53
N LEU A 439 -17.58 -20.68 13.24
CA LEU A 439 -16.77 -19.48 13.32
C LEU A 439 -16.97 -18.58 12.11
N THR A 440 -17.71 -19.04 11.10
CA THR A 440 -18.08 -18.23 9.95
C THR A 440 -19.59 -18.26 9.78
N LEU A 441 -20.06 -17.59 8.72
CA LEU A 441 -21.48 -17.38 8.48
C LEU A 441 -21.86 -17.95 7.12
N LYS A 442 -23.06 -18.52 7.01
CA LYS A 442 -23.52 -19.06 5.73
C LYS A 442 -25.02 -19.12 5.71
N PRO A 443 -25.64 -18.98 4.54
CA PRO A 443 -27.10 -19.11 4.44
C PRO A 443 -27.54 -20.56 4.36
N GLU A 444 -27.89 -21.13 5.51
CA GLU A 444 -28.16 -22.56 5.58
C GLU A 444 -29.41 -22.92 4.79
N GLY A 445 -29.34 -24.05 4.08
CA GLY A 445 -30.47 -24.50 3.30
C GLY A 445 -30.80 -23.66 2.09
N PHE A 446 -29.90 -22.76 1.69
CA PHE A 446 -30.11 -21.98 0.49
C PHE A 446 -30.04 -22.88 -0.73
N VAL A 447 -31.11 -22.90 -1.52
CA VAL A 447 -31.22 -23.73 -2.70
C VAL A 447 -31.78 -22.89 -3.84
N VAL A 448 -31.37 -23.24 -5.06
CA VAL A 448 -31.86 -22.61 -6.29
C VAL A 448 -31.97 -23.68 -7.36
N LYS A 449 -32.69 -23.33 -8.42
CA LYS A 449 -32.66 -24.08 -9.68
C LYS A 449 -31.86 -23.29 -10.70
N ALA A 450 -31.10 -23.99 -11.53
CA ALA A 450 -30.33 -23.35 -12.59
C ALA A 450 -30.79 -23.89 -13.94
N LYS A 451 -31.18 -22.98 -14.83
CA LYS A 451 -31.52 -23.33 -16.20
C LYS A 451 -30.36 -22.91 -17.09
N SER A 452 -29.75 -23.87 -17.77
CA SER A 452 -28.58 -23.60 -18.57
C SER A 452 -28.90 -22.67 -19.73
N LYS A 453 -27.98 -21.76 -20.01
CA LYS A 453 -28.00 -20.99 -21.24
C LYS A 453 -27.35 -21.73 -22.40
N LYS A 454 -26.87 -22.95 -22.16
CA LYS A 454 -26.37 -23.85 -23.21
C LYS A 454 -25.14 -23.26 -23.92
N ILE A 455 -24.28 -22.59 -23.16
CA ILE A 455 -23.06 -22.00 -23.68
C ILE A 455 -21.92 -22.98 -23.41
N PRO A 456 -21.21 -23.45 -24.44
CA PRO A 456 -20.20 -24.49 -24.22
C PRO A 456 -18.96 -23.95 -23.52
N LEU A 457 -18.21 -24.86 -22.91
CA LEU A 457 -17.00 -24.54 -22.17
C LEU A 457 -15.76 -24.72 -23.01
N LYS B 5 15.49 -9.53 -28.01
CA LYS B 5 16.92 -9.49 -28.31
C LYS B 5 17.30 -8.15 -28.94
N GLU B 6 16.67 -7.82 -30.07
CA GLU B 6 16.93 -6.56 -30.75
C GLU B 6 16.19 -5.42 -30.04
N MET B 7 16.92 -4.35 -29.72
CA MET B 7 16.35 -3.38 -28.80
C MET B 7 15.74 -2.20 -29.55
N PRO B 8 14.49 -1.85 -29.25
CA PRO B 8 13.85 -0.71 -29.92
C PRO B 8 14.61 0.59 -29.65
N GLN B 9 14.42 1.55 -30.55
CA GLN B 9 15.12 2.82 -30.51
C GLN B 9 14.28 3.87 -31.19
N PRO B 10 14.13 5.07 -30.60
CA PRO B 10 13.33 6.13 -31.23
C PRO B 10 13.98 6.76 -32.44
N LYS B 11 13.28 7.72 -33.06
CA LYS B 11 13.71 8.29 -34.32
C LYS B 11 15.07 8.99 -34.19
N THR B 12 15.81 9.02 -35.29
CA THR B 12 17.15 9.56 -35.29
C THR B 12 17.26 10.83 -36.12
N PHE B 13 18.36 11.55 -35.92
CA PHE B 13 18.62 12.84 -36.56
C PHE B 13 20.02 12.83 -37.20
N GLY B 14 20.23 11.88 -38.11
CA GLY B 14 21.51 11.78 -38.78
C GLY B 14 22.64 11.57 -37.78
N GLU B 15 23.68 12.39 -37.88
CA GLU B 15 24.85 12.25 -37.02
C GLU B 15 24.53 12.48 -35.55
N LEU B 16 23.48 13.26 -35.27
CA LEU B 16 23.11 13.55 -33.88
C LEU B 16 22.36 12.41 -33.20
N LYS B 17 22.04 11.34 -33.93
CA LYS B 17 21.37 10.14 -33.40
C LYS B 17 20.09 10.59 -32.71
N ASN B 18 19.85 10.22 -31.45
CA ASN B 18 18.63 10.57 -30.74
C ASN B 18 18.73 11.88 -29.98
N LEU B 19 19.91 12.50 -29.91
CA LEU B 19 20.10 13.66 -29.03
C LEU B 19 19.09 14.79 -29.23
N PRO B 20 18.70 15.17 -30.44
CA PRO B 20 17.71 16.26 -30.57
C PRO B 20 16.36 15.95 -29.93
N LEU B 21 16.05 14.69 -29.63
CA LEU B 21 14.79 14.38 -28.97
C LEU B 21 14.70 15.00 -27.60
N LEU B 22 15.84 15.23 -26.96
CA LEU B 22 15.86 15.89 -25.65
C LEU B 22 15.80 17.40 -25.76
N ASN B 23 15.93 17.95 -26.97
CA ASN B 23 15.80 19.39 -27.20
C ASN B 23 14.32 19.75 -27.27
N THR B 24 13.67 19.64 -26.12
CA THR B 24 12.25 19.91 -25.94
C THR B 24 12.08 20.36 -24.50
N ASP B 25 11.04 21.17 -24.26
CA ASP B 25 10.89 21.74 -22.92
C ASP B 25 10.36 20.74 -21.90
N LYS B 26 9.88 19.58 -22.36
CA LYS B 26 9.33 18.55 -21.46
C LYS B 26 9.98 17.20 -21.77
N PRO B 27 11.27 17.04 -21.47
CA PRO B 27 11.98 15.83 -21.90
C PRO B 27 11.54 14.55 -21.20
N VAL B 28 11.23 14.61 -19.89
CA VAL B 28 10.75 13.41 -19.22
C VAL B 28 9.43 12.95 -19.83
N GLN B 29 8.52 13.89 -20.08
CA GLN B 29 7.24 13.53 -20.67
C GLN B 29 7.41 13.00 -22.09
N ALA B 30 8.39 13.54 -22.83
CA ALA B 30 8.70 12.98 -24.15
C ALA B 30 9.22 11.56 -24.05
N LEU B 31 10.11 11.30 -23.08
CA LEU B 31 10.64 9.96 -22.90
C LEU B 31 9.56 8.99 -22.46
N MET B 32 8.59 9.46 -21.68
CA MET B 32 7.45 8.63 -21.32
C MET B 32 6.64 8.25 -22.56
N LYS B 33 6.42 9.21 -23.47
CA LYS B 33 5.68 8.90 -24.69
C LYS B 33 6.43 7.91 -25.55
N ILE B 34 7.77 8.02 -25.58
CA ILE B 34 8.59 7.06 -26.31
C ILE B 34 8.47 5.68 -25.68
N ALA B 35 8.51 5.62 -24.35
CA ALA B 35 8.33 4.35 -23.66
C ALA B 35 6.95 3.76 -23.93
N ASP B 36 5.92 4.62 -24.00
CA ASP B 36 4.58 4.13 -24.35
C ASP B 36 4.60 3.45 -25.71
N GLU B 37 5.34 4.00 -26.68
CA GLU B 37 5.37 3.45 -28.02
C GLU B 37 6.30 2.24 -28.11
N LEU B 38 7.46 2.28 -27.44
CA LEU B 38 8.50 1.27 -27.65
C LEU B 38 8.53 0.18 -26.58
N GLY B 39 8.00 0.42 -25.40
CA GLY B 39 7.91 -0.62 -24.40
C GLY B 39 8.90 -0.47 -23.26
N GLU B 40 9.23 -1.62 -22.65
CA GLU B 40 9.90 -1.64 -21.37
C GLU B 40 11.36 -1.22 -21.43
N ILE B 41 11.95 -1.18 -22.62
CA ILE B 41 13.36 -0.80 -22.76
C ILE B 41 13.58 -0.23 -24.16
N PHE B 42 14.27 0.91 -24.25
CA PHE B 42 14.69 1.40 -25.55
C PHE B 42 16.09 2.01 -25.44
N LYS B 43 16.84 1.86 -26.53
CA LYS B 43 18.17 2.43 -26.63
C LYS B 43 18.10 3.91 -26.99
N PHE B 44 18.98 4.71 -26.40
CA PHE B 44 19.05 6.13 -26.69
C PHE B 44 20.50 6.49 -26.97
N GLU B 45 20.79 6.91 -28.20
CA GLU B 45 22.15 7.16 -28.64
C GLU B 45 22.35 8.65 -28.90
N ALA B 46 23.54 9.13 -28.56
CA ALA B 46 23.97 10.49 -28.84
C ALA B 46 25.44 10.43 -29.26
N PRO B 47 26.01 11.50 -29.82
CA PRO B 47 27.45 11.49 -30.09
C PRO B 47 28.23 11.21 -28.80
N GLY B 48 28.92 10.08 -28.79
CA GLY B 48 29.73 9.71 -27.64
C GLY B 48 28.97 9.24 -26.42
N ARG B 49 27.71 8.82 -26.58
CA ARG B 49 26.89 8.43 -25.45
C ARG B 49 25.88 7.38 -25.92
N VAL B 50 25.75 6.30 -25.16
CA VAL B 50 24.70 5.31 -25.35
C VAL B 50 24.11 4.99 -23.98
N THR B 51 22.79 5.02 -23.89
CA THR B 51 22.13 4.57 -22.68
C THR B 51 20.84 3.86 -23.07
N ARG B 52 20.20 3.23 -22.09
CA ARG B 52 18.99 2.45 -22.31
C ARG B 52 18.00 2.79 -21.22
N TYR B 53 16.80 3.20 -21.63
CA TYR B 53 15.75 3.62 -20.71
C TYR B 53 14.88 2.41 -20.34
N LEU B 54 14.75 2.14 -19.04
CA LEU B 54 13.95 1.05 -18.54
C LEU B 54 12.63 1.59 -17.99
N SER B 55 11.54 0.87 -18.24
CA SER B 55 10.22 1.30 -17.83
C SER B 55 9.41 0.24 -17.10
N SER B 56 9.83 -1.03 -17.11
CA SER B 56 9.06 -2.12 -16.50
C SER B 56 9.66 -2.54 -15.17
N GLN B 57 8.78 -2.93 -14.24
CA GLN B 57 9.26 -3.48 -12.97
C GLN B 57 10.10 -4.73 -13.21
N ARG B 58 9.76 -5.51 -14.24
CA ARG B 58 10.51 -6.73 -14.55
C ARG B 58 12.00 -6.42 -14.76
N LEU B 59 12.30 -5.42 -15.57
CA LEU B 59 13.70 -5.12 -15.85
C LEU B 59 14.33 -4.27 -14.76
N ILE B 60 13.54 -3.39 -14.14
CA ILE B 60 14.11 -2.47 -13.16
C ILE B 60 14.47 -3.20 -11.87
N LYS B 61 13.72 -4.24 -11.50
CA LYS B 61 14.10 -5.01 -10.32
C LYS B 61 15.48 -5.63 -10.47
N GLU B 62 15.85 -6.01 -11.70
CA GLU B 62 17.21 -6.52 -11.94
C GLU B 62 18.22 -5.39 -11.91
N ALA B 63 17.90 -4.25 -12.52
CA ALA B 63 18.81 -3.12 -12.48
C ALA B 63 19.06 -2.66 -11.05
N CYS B 64 18.10 -2.88 -10.15
CA CYS B 64 18.27 -2.52 -8.75
C CYS B 64 19.00 -3.57 -7.93
N ASP B 65 19.49 -4.64 -8.56
CA ASP B 65 20.36 -5.61 -7.89
C ASP B 65 21.75 -5.00 -7.75
N GLU B 66 22.10 -4.61 -6.52
CA GLU B 66 23.35 -3.90 -6.27
C GLU B 66 24.59 -4.77 -6.51
N SER B 67 24.45 -6.09 -6.54
CA SER B 67 25.60 -6.92 -6.89
C SER B 67 25.92 -6.84 -8.37
N ARG B 68 24.96 -6.41 -9.20
CA ARG B 68 25.15 -6.34 -10.64
C ARG B 68 25.25 -4.93 -11.19
N PHE B 69 24.64 -3.94 -10.52
CA PHE B 69 24.62 -2.58 -11.01
C PHE B 69 24.87 -1.62 -9.85
N ASP B 70 25.58 -0.54 -10.15
CA ASP B 70 25.89 0.53 -9.21
C ASP B 70 25.37 1.85 -9.77
N LYS B 71 25.26 2.86 -8.91
CA LYS B 71 24.79 4.16 -9.37
C LYS B 71 25.77 4.75 -10.38
N ASN B 72 25.24 5.25 -11.50
CA ASN B 72 26.00 5.99 -12.48
C ASN B 72 25.63 7.46 -12.39
N LEU B 73 26.61 8.33 -12.64
CA LEU B 73 26.33 9.76 -12.75
C LEU B 73 25.80 10.02 -14.15
N SER B 74 24.50 10.29 -14.26
CA SER B 74 23.91 10.77 -15.49
C SER B 74 24.61 12.06 -15.94
N GLN B 75 24.35 12.47 -17.18
CA GLN B 75 24.90 13.74 -17.63
C GLN B 75 24.38 14.90 -16.78
N ALA B 76 23.11 14.82 -16.36
CA ALA B 76 22.57 15.85 -15.48
C ALA B 76 23.36 15.93 -14.18
N LEU B 77 23.63 14.78 -13.55
CA LEU B 77 24.38 14.77 -12.29
C LEU B 77 25.83 15.22 -12.49
N LYS B 78 26.44 14.86 -13.62
CA LYS B 78 27.80 15.32 -13.89
C LYS B 78 27.86 16.85 -13.99
N PHE B 79 26.83 17.46 -14.57
CA PHE B 79 26.80 18.91 -14.65
C PHE B 79 26.50 19.53 -13.29
N VAL B 80 25.62 18.90 -12.51
CA VAL B 80 25.35 19.38 -11.16
C VAL B 80 26.59 19.26 -10.28
N ARG B 81 27.42 18.23 -10.52
CA ARG B 81 28.64 18.06 -9.75
C ARG B 81 29.57 19.27 -9.84
N ASP B 82 29.46 20.08 -10.89
CA ASP B 82 30.28 21.28 -10.98
C ASP B 82 30.00 22.27 -9.85
N PHE B 83 28.84 22.17 -9.18
CA PHE B 83 28.63 22.95 -7.97
C PHE B 83 28.19 22.16 -6.75
N ALA B 84 27.76 20.91 -6.90
CA ALA B 84 27.53 20.05 -5.75
C ALA B 84 28.75 19.23 -5.37
N GLY B 85 29.84 19.30 -6.15
CA GLY B 85 31.10 18.67 -5.79
C GLY B 85 30.96 17.19 -5.56
N ASP B 86 31.72 16.67 -4.59
CA ASP B 86 31.53 15.29 -4.15
C ASP B 86 30.60 15.21 -2.94
N GLY B 87 29.53 16.02 -2.94
CA GLY B 87 28.39 15.75 -2.09
C GLY B 87 27.82 14.38 -2.37
N LEU B 88 26.87 13.96 -1.52
CA LEU B 88 26.37 12.58 -1.56
C LEU B 88 25.74 12.26 -2.91
N ALA B 89 24.97 13.19 -3.48
CA ALA B 89 24.18 12.87 -4.66
C ALA B 89 25.00 12.82 -5.94
N THR B 90 26.17 13.48 -5.97
CA THR B 90 26.96 13.57 -7.18
C THR B 90 28.34 12.93 -7.03
N SER B 91 28.50 12.01 -6.08
CA SER B 91 29.73 11.26 -5.93
CA SER B 91 29.73 11.26 -5.93
C SER B 91 29.51 9.81 -6.32
N TRP B 92 30.56 9.18 -6.83
CA TRP B 92 30.52 7.77 -7.15
C TRP B 92 30.61 6.96 -5.87
N THR B 93 29.98 5.78 -5.87
CA THR B 93 29.97 4.95 -4.67
C THR B 93 31.38 4.59 -4.20
N HIS B 94 32.31 4.44 -5.14
CA HIS B 94 33.69 4.06 -4.82
C HIS B 94 34.57 5.22 -4.40
N GLU B 95 34.06 6.45 -4.42
CA GLU B 95 34.82 7.60 -3.95
C GLU B 95 34.81 7.62 -2.43
N LYS B 96 35.99 7.84 -1.83
CA LYS B 96 36.10 7.82 -0.38
C LYS B 96 35.07 8.72 0.29
N ASN B 97 34.82 9.90 -0.27
CA ASN B 97 33.92 10.84 0.37
C ASN B 97 32.46 10.41 0.34
N TRP B 98 32.07 9.46 -0.53
CA TRP B 98 30.67 9.03 -0.49
C TRP B 98 30.38 8.21 0.76
N LYS B 99 31.11 7.10 0.95
CA LYS B 99 30.84 6.24 2.10
C LYS B 99 31.11 6.99 3.40
N LYS B 100 32.13 7.83 3.42
CA LYS B 100 32.44 8.64 4.59
C LYS B 100 31.26 9.52 4.97
N ALA B 101 30.75 10.31 4.03
CA ALA B 101 29.63 11.20 4.34
C ALA B 101 28.37 10.39 4.60
N HIS B 102 28.18 9.29 3.87
CA HIS B 102 27.02 8.43 4.08
C HIS B 102 26.96 7.93 5.52
N ASN B 103 28.08 7.42 6.03
CA ASN B 103 28.10 6.90 7.40
C ASN B 103 27.86 8.01 8.40
N ILE B 104 28.43 9.19 8.17
CA ILE B 104 28.27 10.28 9.12
C ILE B 104 26.83 10.79 9.12
N LEU B 105 26.25 10.93 7.93
CA LEU B 105 24.97 11.62 7.81
C LEU B 105 23.75 10.72 8.01
N LEU B 106 23.88 9.40 7.80
CA LEU B 106 22.71 8.52 7.91
C LEU B 106 21.98 8.67 9.23
N PRO B 107 22.62 8.66 10.41
CA PRO B 107 21.86 8.79 11.65
C PRO B 107 21.14 10.12 11.79
N SER B 108 21.65 11.19 11.20
CA SER B 108 20.99 12.47 11.30
C SER B 108 19.87 12.65 10.29
N PHE B 109 19.60 11.63 9.46
CA PHE B 109 18.46 11.65 8.55
C PHE B 109 17.44 10.56 8.85
N SER B 110 17.62 9.85 9.97
CA SER B 110 16.73 8.75 10.31
C SER B 110 15.36 9.27 10.75
N GLN B 111 14.39 8.36 10.80
CA GLN B 111 13.08 8.73 11.33
C GLN B 111 13.18 9.28 12.74
N GLN B 112 14.04 8.69 13.57
CA GLN B 112 14.21 9.18 14.93
C GLN B 112 14.78 10.59 14.94
N ALA B 113 15.62 10.91 13.95
CA ALA B 113 16.21 12.25 13.89
C ALA B 113 15.21 13.32 13.48
N MET B 114 14.09 12.94 12.86
CA MET B 114 13.09 13.95 12.52
C MET B 114 12.49 14.60 13.76
N LYS B 115 12.53 13.92 14.91
CA LYS B 115 12.08 14.55 16.15
C LYS B 115 12.85 15.83 16.45
N GLY B 116 14.14 15.88 16.10
CA GLY B 116 14.94 17.06 16.36
C GLY B 116 14.75 18.19 15.37
N TYR B 117 14.39 17.88 14.13
CA TYR B 117 14.10 18.89 13.13
C TYR B 117 12.67 19.40 13.19
N HIS B 118 11.80 18.72 13.95
CA HIS B 118 10.36 18.98 13.85
C HIS B 118 10.03 20.43 14.17
N ALA B 119 10.64 20.98 15.22
CA ALA B 119 10.32 22.34 15.65
C ALA B 119 10.65 23.37 14.57
N MET B 120 11.80 23.20 13.89
CA MET B 120 12.16 24.12 12.82
C MET B 120 11.24 23.97 11.62
N MET B 121 10.85 22.74 11.30
CA MET B 121 9.89 22.53 10.22
C MET B 121 8.56 23.20 10.53
N VAL B 122 8.12 23.13 11.79
CA VAL B 122 6.87 23.76 12.19
C VAL B 122 6.98 25.28 12.05
N ASP B 123 8.16 25.84 12.38
CA ASP B 123 8.40 27.27 12.24
C ASP B 123 8.04 27.76 10.83
N ILE B 124 8.56 27.08 9.81
CA ILE B 124 8.29 27.52 8.44
C ILE B 124 6.85 27.17 8.04
N ALA B 125 6.35 26.02 8.49
CA ALA B 125 4.99 25.63 8.15
C ALA B 125 3.99 26.65 8.68
N VAL B 126 4.21 27.13 9.90
CA VAL B 126 3.32 28.15 10.46
C VAL B 126 3.39 29.44 9.64
N GLN B 127 4.58 29.80 9.16
CA GLN B 127 4.71 30.97 8.29
C GLN B 127 3.88 30.82 7.02
N LEU B 128 3.88 29.62 6.42
CA LEU B 128 3.06 29.38 5.25
C LEU B 128 1.58 29.53 5.59
N VAL B 129 1.14 28.88 6.67
CA VAL B 129 -0.27 28.97 7.06
C VAL B 129 -0.66 30.42 7.33
N GLN B 130 0.21 31.18 8.00
CA GLN B 130 -0.13 32.57 8.29
C GLN B 130 -0.21 33.39 7.02
N LYS B 131 0.67 33.14 6.04
CA LYS B 131 0.57 33.85 4.78
C LYS B 131 -0.81 33.66 4.15
N TRP B 132 -1.29 32.41 4.14
CA TRP B 132 -2.58 32.13 3.51
C TRP B 132 -3.73 32.67 4.33
N GLU B 133 -3.62 32.63 5.67
CA GLU B 133 -4.64 33.25 6.52
C GLU B 133 -4.79 34.74 6.23
N ARG B 134 -3.71 35.39 5.81
CA ARG B 134 -3.69 36.84 5.67
C ARG B 134 -4.04 37.30 4.27
N LEU B 135 -4.30 36.38 3.36
CA LEU B 135 -4.72 36.75 2.02
C LEU B 135 -6.13 37.35 2.07
N ASN B 136 -6.36 38.31 1.18
CA ASN B 136 -7.66 38.93 1.08
C ASN B 136 -8.60 38.06 0.24
N ALA B 137 -9.89 38.36 0.34
CA ALA B 137 -10.87 37.63 -0.44
C ALA B 137 -10.58 37.77 -1.93
N ASP B 138 -10.75 36.69 -2.67
CA ASP B 138 -10.56 36.62 -4.11
C ASP B 138 -9.11 36.80 -4.53
N GLU B 139 -8.18 37.00 -3.60
CA GLU B 139 -6.79 36.72 -3.92
C GLU B 139 -6.60 35.21 -3.97
N HIS B 140 -5.53 34.78 -4.63
CA HIS B 140 -5.31 33.35 -4.80
C HIS B 140 -3.88 32.98 -4.40
N ILE B 141 -3.62 31.68 -4.41
CA ILE B 141 -2.34 31.11 -4.00
C ILE B 141 -1.64 30.60 -5.24
N GLU B 142 -0.37 30.96 -5.40
CA GLU B 142 0.49 30.37 -6.40
C GLU B 142 1.15 29.18 -5.72
N VAL B 143 0.68 27.97 -6.02
CA VAL B 143 0.98 26.82 -5.18
C VAL B 143 2.47 26.46 -5.24
N PRO B 144 3.06 26.13 -6.39
CA PRO B 144 4.49 25.74 -6.36
C PRO B 144 5.41 26.85 -5.88
N GLU B 145 5.08 28.11 -6.16
CA GLU B 145 5.90 29.21 -5.68
C GLU B 145 5.96 29.22 -4.14
N ASP B 146 4.80 29.07 -3.50
CA ASP B 146 4.77 29.07 -2.04
C ASP B 146 5.35 27.78 -1.47
N MET B 147 5.10 26.65 -2.13
CA MET B 147 5.70 25.40 -1.65
C MET B 147 7.21 25.47 -1.70
N THR B 148 7.75 26.09 -2.75
CA THR B 148 9.21 26.22 -2.87
C THR B 148 9.77 27.18 -1.82
N ARG B 149 9.06 28.28 -1.54
CA ARG B 149 9.44 29.12 -0.41
C ARG B 149 9.56 28.31 0.87
N LEU B 150 8.58 27.43 1.12
CA LEU B 150 8.56 26.66 2.35
C LEU B 150 9.70 25.65 2.40
N THR B 151 9.88 24.86 1.33
CA THR B 151 10.88 23.80 1.39
C THR B 151 12.29 24.38 1.43
N LEU B 152 12.53 25.47 0.68
CA LEU B 152 13.84 26.09 0.73
C LEU B 152 14.14 26.61 2.13
N ASP B 153 13.18 27.33 2.73
CA ASP B 153 13.41 27.87 4.06
C ASP B 153 13.56 26.75 5.08
N THR B 154 12.81 25.67 4.93
CA THR B 154 12.92 24.56 5.87
C THR B 154 14.28 23.90 5.78
N ILE B 155 14.78 23.66 4.56
CA ILE B 155 16.10 23.04 4.43
C ILE B 155 17.18 24.00 4.92
N GLY B 156 17.00 25.30 4.66
CA GLY B 156 17.95 26.29 5.18
C GLY B 156 18.01 26.27 6.69
N LEU B 157 16.86 26.20 7.35
CA LEU B 157 16.82 26.22 8.81
C LEU B 157 17.32 24.92 9.39
N CYS B 158 16.83 23.79 8.88
CA CYS B 158 17.27 22.49 9.38
C CYS B 158 18.69 22.16 8.90
N GLY B 159 19.08 22.68 7.73
CA GLY B 159 20.39 22.32 7.20
C GLY B 159 21.52 23.03 7.93
N PHE B 160 21.39 24.35 8.14
CA PHE B 160 22.48 25.09 8.76
C PHE B 160 21.99 26.33 9.48
N ASN B 161 20.78 26.28 10.05
CA ASN B 161 20.25 27.33 10.91
C ASN B 161 20.33 28.71 10.25
N TYR B 162 20.02 28.75 8.96
CA TYR B 162 20.04 30.00 8.20
C TYR B 162 18.63 30.28 7.69
N ARG B 163 18.19 31.53 7.82
CA ARG B 163 16.84 31.93 7.43
C ARG B 163 16.91 32.68 6.11
N PHE B 164 16.51 32.00 5.03
CA PHE B 164 16.36 32.67 3.75
C PHE B 164 15.22 33.68 3.77
N ASN B 165 14.27 33.53 4.70
CA ASN B 165 13.15 34.46 4.85
C ASN B 165 12.40 34.65 3.53
N SER B 166 12.12 33.53 2.87
CA SER B 166 11.50 33.59 1.56
C SER B 166 10.09 34.17 1.62
N PHE B 167 9.42 34.08 2.76
CA PHE B 167 8.08 34.65 2.87
C PHE B 167 8.10 36.15 3.12
N TYR B 168 9.29 36.76 3.20
CA TYR B 168 9.41 38.21 3.31
C TYR B 168 9.83 38.85 2.01
N ARG B 169 9.81 38.11 0.91
CA ARG B 169 10.47 38.53 -0.33
C ARG B 169 9.62 38.18 -1.54
N ASP B 170 9.73 39.01 -2.56
CA ASP B 170 9.32 38.64 -3.92
C ASP B 170 10.52 38.07 -4.68
N GLN B 171 11.63 38.81 -4.71
CA GLN B 171 12.86 38.30 -5.29
C GLN B 171 13.60 37.46 -4.26
N PRO B 172 13.95 36.22 -4.57
CA PRO B 172 14.56 35.34 -3.57
C PRO B 172 15.92 35.84 -3.12
N HIS B 173 16.36 35.26 -2.01
CA HIS B 173 17.70 35.50 -1.50
C HIS B 173 18.72 35.26 -2.62
N PRO B 174 19.76 36.09 -2.75
CA PRO B 174 20.73 35.90 -3.84
C PRO B 174 21.27 34.49 -3.95
N PHE B 175 21.43 33.76 -2.85
CA PHE B 175 21.88 32.38 -2.95
C PHE B 175 20.90 31.55 -3.76
N ILE B 176 19.60 31.71 -3.51
CA ILE B 176 18.61 30.92 -4.24
C ILE B 176 18.62 31.28 -5.71
N THR B 177 18.73 32.58 -6.02
CA THR B 177 18.78 33.00 -7.42
C THR B 177 19.97 32.36 -8.14
N SER B 178 21.14 32.32 -7.50
CA SER B 178 22.29 31.70 -8.13
C SER B 178 22.14 30.18 -8.24
N MET B 179 21.56 29.55 -7.21
CA MET B 179 21.35 28.10 -7.27
C MET B 179 20.39 27.73 -8.39
N VAL B 180 19.25 28.42 -8.48
CA VAL B 180 18.27 28.12 -9.53
C VAL B 180 18.91 28.33 -10.91
N ARG B 181 19.63 29.44 -11.07
CA ARG B 181 20.28 29.70 -12.35
C ARG B 181 21.41 28.72 -12.63
N ALA B 182 22.08 28.22 -11.60
CA ALA B 182 23.06 27.16 -11.82
C ALA B 182 22.39 25.87 -12.27
N LEU B 183 21.29 25.48 -11.61
CA LEU B 183 20.57 24.30 -12.05
C LEU B 183 20.02 24.47 -13.46
N ASP B 184 19.57 25.68 -13.80
CA ASP B 184 19.07 25.95 -15.14
C ASP B 184 20.16 25.76 -16.18
N GLU B 185 21.37 26.26 -15.91
CA GLU B 185 22.48 26.06 -16.84
C GLU B 185 22.79 24.58 -17.00
N ALA B 186 22.76 23.84 -15.89
CA ALA B 186 23.00 22.39 -15.95
C ALA B 186 21.99 21.70 -16.86
N MET B 187 20.70 22.04 -16.72
CA MET B 187 19.70 21.44 -17.59
C MET B 187 19.87 21.89 -19.04
N ASN B 188 20.11 23.18 -19.26
CA ASN B 188 20.22 23.68 -20.63
C ASN B 188 21.40 23.02 -21.36
N LYS B 189 22.49 22.74 -20.63
CA LYS B 189 23.64 22.07 -21.25
C LYS B 189 23.26 20.71 -21.84
N LEU B 190 22.23 20.07 -21.29
CA LEU B 190 21.83 18.75 -21.79
C LEU B 190 21.26 18.84 -23.20
N GLN B 191 20.50 19.89 -23.48
CA GLN B 191 19.80 20.06 -24.74
C GLN B 191 20.62 20.83 -25.77
N ARG B 192 21.89 21.09 -25.47
CA ARG B 192 22.70 22.02 -26.25
C ARG B 192 23.47 21.32 -27.36
N PRO B 195 25.96 22.06 -29.78
CA PRO B 195 27.30 22.56 -30.09
C PRO B 195 27.79 23.63 -29.11
N ASP B 196 29.09 23.63 -28.80
CA ASP B 196 29.66 24.59 -27.85
C ASP B 196 30.04 25.88 -28.58
N ASP B 197 29.00 26.58 -29.05
CA ASP B 197 29.20 27.79 -29.83
C ASP B 197 29.80 28.90 -28.97
N PRO B 198 30.42 29.90 -29.60
CA PRO B 198 31.03 30.99 -28.81
C PRO B 198 30.03 31.85 -28.07
N ALA B 199 28.75 31.82 -28.46
CA ALA B 199 27.73 32.63 -27.81
C ALA B 199 27.26 32.05 -26.48
N TYR B 200 27.72 30.86 -26.11
CA TYR B 200 27.46 30.33 -24.78
C TYR B 200 28.46 30.83 -23.74
N ASP B 201 29.38 31.72 -24.14
CA ASP B 201 30.37 32.25 -23.20
C ASP B 201 29.72 33.05 -22.08
N GLU B 202 28.61 33.73 -22.37
CA GLU B 202 27.90 34.47 -21.33
C GLU B 202 27.30 33.51 -20.31
N ASN B 203 26.70 32.42 -20.78
CA ASN B 203 26.16 31.41 -19.87
C ASN B 203 27.26 30.87 -18.96
N LYS B 204 28.44 30.59 -19.52
CA LYS B 204 29.54 30.03 -18.74
C LYS B 204 30.03 31.01 -17.69
N ARG B 205 30.24 32.28 -18.07
CA ARG B 205 30.69 33.29 -17.11
C ARG B 205 29.69 33.46 -15.99
N GLN B 206 28.40 33.48 -16.31
CA GLN B 206 27.38 33.56 -15.27
C GLN B 206 27.41 32.34 -14.38
N PHE B 207 27.64 31.17 -14.97
CA PHE B 207 27.69 29.92 -14.22
C PHE B 207 28.76 29.96 -13.15
N GLN B 208 29.96 30.44 -13.50
CA GLN B 208 31.04 30.52 -12.52
C GLN B 208 30.74 31.56 -11.45
N GLU B 209 30.06 32.65 -11.83
CA GLU B 209 29.64 33.64 -10.86
C GLU B 209 28.65 33.06 -9.86
N ASP B 210 27.70 32.26 -10.35
CA ASP B 210 26.72 31.65 -9.47
C ASP B 210 27.37 30.62 -8.55
N ILE B 211 28.33 29.87 -9.07
CA ILE B 211 29.08 28.93 -8.22
C ILE B 211 29.75 29.67 -7.07
N LYS B 212 30.34 30.84 -7.36
CA LYS B 212 31.03 31.60 -6.33
C LYS B 212 30.05 32.14 -5.29
N VAL B 213 28.87 32.58 -5.72
CA VAL B 213 27.86 33.05 -4.78
C VAL B 213 27.50 31.97 -3.78
N MET B 214 27.28 30.74 -4.28
CA MET B 214 26.89 29.63 -3.40
C MET B 214 28.02 29.26 -2.46
N ASN B 215 29.23 29.09 -2.99
CA ASN B 215 30.36 28.73 -2.15
C ASN B 215 30.61 29.78 -1.07
N ASP B 216 30.59 31.06 -1.46
CA ASP B 216 30.91 32.13 -0.52
C ASP B 216 29.96 32.12 0.67
N LEU B 217 28.64 32.07 0.42
CA LEU B 217 27.70 32.12 1.53
C LEU B 217 27.83 30.89 2.42
N VAL B 218 27.91 29.71 1.79
CA VAL B 218 28.00 28.48 2.58
C VAL B 218 29.33 28.41 3.32
N ASP B 219 30.43 28.73 2.65
CA ASP B 219 31.73 28.72 3.34
C ASP B 219 31.72 29.72 4.49
N LYS B 220 31.09 30.88 4.29
CA LYS B 220 31.04 31.89 5.34
C LYS B 220 30.25 31.38 6.55
N ILE B 221 29.10 30.74 6.31
CA ILE B 221 28.31 30.24 7.44
C ILE B 221 29.07 29.16 8.19
N ILE B 222 29.76 28.28 7.47
CA ILE B 222 30.58 27.25 8.13
C ILE B 222 31.65 27.91 9.00
N ALA B 223 32.39 28.86 8.42
CA ALA B 223 33.43 29.55 9.18
C ALA B 223 32.83 30.29 10.37
N ASP B 224 31.71 30.98 10.17
CA ASP B 224 31.04 31.64 11.29
C ASP B 224 30.71 30.66 12.40
N ARG B 225 30.15 29.49 12.04
CA ARG B 225 29.77 28.50 13.03
C ARG B 225 30.99 27.95 13.77
N LYS B 226 32.08 27.67 13.04
CA LYS B 226 33.27 27.15 13.69
C LYS B 226 33.86 28.18 14.64
N ALA B 227 33.89 29.45 14.24
CA ALA B 227 34.41 30.50 15.10
C ALA B 227 33.57 30.68 16.35
N SER B 228 32.24 30.66 16.21
CA SER B 228 31.35 30.84 17.35
C SER B 228 31.41 29.65 18.29
N GLY B 229 31.46 28.44 17.74
CA GLY B 229 31.36 27.24 18.55
C GLY B 229 29.97 26.89 19.01
N GLU B 230 28.96 27.62 18.54
CA GLU B 230 27.59 27.39 18.99
C GLU B 230 27.05 26.10 18.40
N GLN B 231 26.13 25.47 19.14
CA GLN B 231 25.56 24.18 18.76
C GLN B 231 24.06 24.36 18.52
N SER B 232 23.61 24.02 17.32
CA SER B 232 22.19 24.06 16.98
C SER B 232 21.69 22.64 16.69
N ASP B 233 20.39 22.54 16.41
CA ASP B 233 19.78 21.27 16.03
C ASP B 233 19.77 21.08 14.52
N ASP B 234 20.85 21.45 13.83
CA ASP B 234 20.89 21.43 12.39
C ASP B 234 21.92 20.43 11.89
N LEU B 235 21.87 20.17 10.59
CA LEU B 235 22.80 19.21 10.00
C LEU B 235 24.24 19.73 10.03
N LEU B 236 24.43 21.05 9.98
CA LEU B 236 25.78 21.59 10.02
C LEU B 236 26.49 21.25 11.33
N THR B 237 25.77 21.35 12.46
CA THR B 237 26.35 20.97 13.74
C THR B 237 26.76 19.50 13.75
N HIS B 238 25.88 18.63 13.24
CA HIS B 238 26.22 17.20 13.16
C HIS B 238 27.46 16.96 12.32
N MET B 239 27.59 17.70 11.20
CA MET B 239 28.74 17.47 10.32
C MET B 239 30.03 18.02 10.90
N LEU B 240 29.96 19.10 11.68
CA LEU B 240 31.15 19.62 12.33
C LEU B 240 31.63 18.71 13.46
N ASN B 241 30.70 17.93 14.05
CA ASN B 241 31.02 17.06 15.17
C ASN B 241 31.07 15.59 14.80
N GLY B 242 30.59 15.20 13.62
CA GLY B 242 30.53 13.79 13.27
C GLY B 242 31.87 13.23 12.85
N LYS B 243 32.03 11.93 13.09
CA LYS B 243 33.19 11.18 12.62
C LYS B 243 32.74 9.88 12.01
N ASP B 244 33.26 9.57 10.83
CA ASP B 244 32.98 8.29 10.19
C ASP B 244 33.53 7.15 11.02
N PRO B 245 32.70 6.24 11.53
CA PRO B 245 33.23 5.11 12.29
C PRO B 245 34.24 4.27 11.51
N GLU B 246 34.10 4.19 10.18
CA GLU B 246 35.00 3.36 9.38
C GLU B 246 36.39 3.97 9.29
N THR B 247 36.51 5.15 8.66
CA THR B 247 37.81 5.80 8.54
C THR B 247 38.24 6.51 9.82
N GLY B 248 37.30 6.80 10.72
CA GLY B 248 37.60 7.61 11.88
C GLY B 248 37.74 9.09 11.59
N GLU B 249 37.50 9.53 10.34
CA GLU B 249 37.68 10.91 9.92
C GLU B 249 36.36 11.68 9.97
N PRO B 250 36.45 12.98 10.24
CA PRO B 250 35.31 13.87 10.02
C PRO B 250 35.32 14.40 8.59
N LEU B 251 34.18 14.95 8.18
CA LEU B 251 34.12 15.67 6.92
C LEU B 251 34.95 16.95 7.02
N ASP B 252 35.67 17.26 5.95
CA ASP B 252 36.39 18.53 5.92
C ASP B 252 35.42 19.66 5.52
N ASP B 253 35.89 20.90 5.68
CA ASP B 253 35.03 22.05 5.49
C ASP B 253 34.52 22.15 4.05
N GLU B 254 35.35 21.78 3.08
CA GLU B 254 34.90 21.83 1.70
C GLU B 254 33.79 20.82 1.43
N ASN B 255 33.94 19.59 1.93
CA ASN B 255 32.89 18.60 1.71
C ASN B 255 31.61 18.98 2.44
N ILE B 256 31.72 19.53 3.65
CA ILE B 256 30.54 19.98 4.36
C ILE B 256 29.77 21.00 3.52
N ARG B 257 30.50 21.92 2.88
CA ARG B 257 29.86 22.88 1.99
C ARG B 257 29.11 22.19 0.87
N TYR B 258 29.74 21.21 0.22
CA TYR B 258 29.07 20.50 -0.86
C TYR B 258 27.83 19.77 -0.37
N GLN B 259 27.89 19.19 0.84
CA GLN B 259 26.68 18.55 1.37
C GLN B 259 25.56 19.56 1.59
N ILE B 260 25.89 20.74 2.12
CA ILE B 260 24.84 21.74 2.35
C ILE B 260 24.23 22.18 1.03
N ILE B 261 25.07 22.47 0.04
CA ILE B 261 24.56 22.78 -1.30
C ILE B 261 23.72 21.62 -1.82
N THR B 262 24.17 20.39 -1.58
CA THR B 262 23.44 19.22 -2.06
C THR B 262 22.06 19.12 -1.42
N PHE B 263 21.96 19.34 -0.11
CA PHE B 263 20.66 19.28 0.54
C PHE B 263 19.69 20.27 -0.09
N LEU B 264 20.18 21.48 -0.39
CA LEU B 264 19.34 22.50 -0.99
C LEU B 264 18.91 22.12 -2.40
N ILE B 265 19.85 21.61 -3.20
CA ILE B 265 19.53 21.16 -4.57
C ILE B 265 18.60 19.97 -4.53
N ALA B 266 19.03 18.90 -3.85
CA ALA B 266 18.34 17.62 -3.92
C ALA B 266 16.96 17.68 -3.27
N GLY B 267 16.80 18.54 -2.27
CA GLY B 267 15.59 18.52 -1.47
C GLY B 267 14.53 19.55 -1.78
N HIS B 268 14.93 20.76 -2.19
CA HIS B 268 13.98 21.85 -2.19
C HIS B 268 12.92 21.69 -3.27
N GLU B 269 13.32 21.21 -4.45
CA GLU B 269 12.45 21.27 -5.62
C GLU B 269 11.64 19.98 -5.76
N THR B 270 12.28 18.86 -5.43
CA THR B 270 11.58 17.59 -5.32
C THR B 270 10.46 17.67 -4.30
N THR B 271 10.76 18.22 -3.11
CA THR B 271 9.77 18.24 -2.04
C THR B 271 8.65 19.24 -2.33
N SER B 272 8.99 20.43 -2.86
CA SER B 272 7.92 21.37 -3.16
C SER B 272 7.06 20.89 -4.31
N GLY B 273 7.67 20.20 -5.29
CA GLY B 273 6.88 19.57 -6.33
C GLY B 273 5.92 18.53 -5.80
N LEU B 274 6.37 17.73 -4.83
CA LEU B 274 5.49 16.73 -4.21
C LEU B 274 4.28 17.40 -3.55
N LEU B 275 4.54 18.44 -2.76
CA LEU B 275 3.42 19.14 -2.13
C LEU B 275 2.49 19.73 -3.19
N SER B 276 3.07 20.30 -4.25
CA SER B 276 2.27 20.91 -5.31
C SER B 276 1.42 19.88 -6.02
N PHE B 277 2.03 18.75 -6.41
CA PHE B 277 1.25 17.69 -7.07
C PHE B 277 0.21 17.13 -6.13
N ALA B 278 0.56 16.92 -4.86
CA ALA B 278 -0.41 16.38 -3.91
C ALA B 278 -1.65 17.28 -3.82
N LEU B 279 -1.43 18.59 -3.66
CA LEU B 279 -2.57 19.50 -3.58
C LEU B 279 -3.34 19.52 -4.89
N TYR B 280 -2.63 19.45 -6.03
CA TYR B 280 -3.32 19.36 -7.31
C TYR B 280 -4.25 18.15 -7.36
N PHE B 281 -3.74 16.98 -6.99
CA PHE B 281 -4.59 15.80 -7.04
C PHE B 281 -5.73 15.86 -6.03
N LEU B 282 -5.49 16.50 -4.88
CA LEU B 282 -6.55 16.64 -3.89
C LEU B 282 -7.70 17.51 -4.40
N VAL B 283 -7.40 18.65 -5.01
CA VAL B 283 -8.49 19.50 -5.48
C VAL B 283 -9.17 18.91 -6.71
N LYS B 284 -8.50 18.01 -7.44
CA LYS B 284 -9.14 17.31 -8.55
C LYS B 284 -9.90 16.07 -8.12
N ASN B 285 -9.76 15.63 -6.88
CA ASN B 285 -10.42 14.42 -6.39
C ASN B 285 -11.06 14.74 -5.05
N PRO B 286 -12.20 15.44 -5.06
CA PRO B 286 -12.78 15.95 -3.80
C PRO B 286 -13.07 14.89 -2.75
N HIS B 287 -13.39 13.64 -3.16
CA HIS B 287 -13.61 12.60 -2.16
C HIS B 287 -12.34 12.31 -1.38
N VAL B 288 -11.20 12.32 -2.07
CA VAL B 288 -9.91 12.08 -1.41
C VAL B 288 -9.58 13.23 -0.47
N LEU B 289 -9.80 14.46 -0.94
CA LEU B 289 -9.58 15.66 -0.13
C LEU B 289 -10.37 15.58 1.17
N GLN B 290 -11.65 15.23 1.08
CA GLN B 290 -12.48 15.15 2.27
C GLN B 290 -11.93 14.12 3.24
N LYS B 291 -11.54 12.94 2.72
CA LYS B 291 -10.98 11.90 3.57
C LYS B 291 -9.67 12.37 4.22
N ALA B 292 -8.81 13.04 3.46
CA ALA B 292 -7.56 13.54 4.02
C ALA B 292 -7.80 14.67 5.02
N ALA B 293 -8.77 15.55 4.74
CA ALA B 293 -9.08 16.62 5.68
C ALA B 293 -9.71 16.10 6.96
N GLU B 294 -10.51 15.03 6.88
CA GLU B 294 -11.07 14.44 8.10
C GLU B 294 -9.97 13.95 9.02
N GLU B 295 -8.97 13.26 8.45
CA GLU B 295 -7.87 12.77 9.27
C GLU B 295 -7.09 13.92 9.88
N ALA B 296 -6.83 14.96 9.08
CA ALA B 296 -6.09 16.12 9.58
C ALA B 296 -6.81 16.75 10.76
N ALA B 297 -8.13 16.92 10.65
CA ALA B 297 -8.88 17.55 11.73
C ALA B 297 -8.92 16.66 12.97
N ARG B 298 -9.01 15.34 12.77
CA ARG B 298 -9.09 14.42 13.91
C ARG B 298 -7.75 14.27 14.61
N VAL B 299 -6.66 14.30 13.86
CA VAL B 299 -5.34 13.99 14.43
C VAL B 299 -4.65 15.24 14.97
N LEU B 300 -4.74 16.36 14.27
CA LEU B 300 -4.01 17.58 14.64
C LEU B 300 -4.86 18.44 15.59
N VAL B 301 -5.00 17.95 16.82
CA VAL B 301 -5.90 18.57 17.78
C VAL B 301 -5.29 19.73 18.54
N ASP B 302 -3.99 20.00 18.37
CA ASP B 302 -3.33 21.09 19.07
C ASP B 302 -3.01 22.23 18.12
N PRO B 303 -2.83 23.45 18.64
CA PRO B 303 -2.51 24.59 17.76
C PRO B 303 -1.25 24.38 16.96
N VAL B 304 -0.31 23.60 17.48
CA VAL B 304 0.94 23.29 16.81
C VAL B 304 1.03 21.77 16.70
N PRO B 305 1.23 21.20 15.52
CA PRO B 305 1.36 19.75 15.42
C PRO B 305 2.60 19.26 16.15
N SER B 306 2.48 18.09 16.77
CA SER B 306 3.61 17.42 17.38
C SER B 306 4.21 16.40 16.41
N TYR B 307 5.41 15.92 16.73
CA TYR B 307 6.03 14.88 15.92
C TYR B 307 5.16 13.62 15.88
N LYS B 308 4.64 13.20 17.03
CA LYS B 308 3.85 11.97 17.08
C LYS B 308 2.55 12.11 16.29
N GLN B 309 1.95 13.31 16.29
CA GLN B 309 0.73 13.52 15.54
C GLN B 309 0.97 13.39 14.04
N VAL B 310 2.11 13.88 13.56
CA VAL B 310 2.41 13.78 12.12
C VAL B 310 2.51 12.32 11.70
N LYS B 311 3.09 11.48 12.55
CA LYS B 311 3.17 10.05 12.25
C LYS B 311 1.79 9.41 12.15
N GLN B 312 0.77 10.01 12.78
CA GLN B 312 -0.57 9.44 12.75
C GLN B 312 -1.34 9.81 11.49
N LEU B 313 -0.80 10.70 10.66
CA LEU B 313 -1.50 11.14 9.45
C LEU B 313 -1.30 10.10 8.35
N LYS B 314 -1.92 8.94 8.56
CA LYS B 314 -1.73 7.79 7.68
C LYS B 314 -2.24 8.08 6.27
N TYR B 315 -3.46 8.57 6.15
CA TYR B 315 -4.04 8.79 4.84
C TYR B 315 -3.33 9.92 4.11
N VAL B 316 -2.93 10.97 4.84
CA VAL B 316 -2.13 12.03 4.22
C VAL B 316 -0.87 11.44 3.63
N GLY B 317 -0.23 10.50 4.35
CA GLY B 317 0.93 9.82 3.81
C GLY B 317 0.60 9.00 2.58
N MET B 318 -0.59 8.39 2.57
CA MET B 318 -1.02 7.64 1.39
C MET B 318 -1.23 8.58 0.21
N VAL B 319 -1.79 9.76 0.46
CA VAL B 319 -1.95 10.79 -0.56
C VAL B 319 -0.59 11.15 -1.16
N LEU B 320 0.42 11.33 -0.30
CA LEU B 320 1.73 11.71 -0.78
C LEU B 320 2.37 10.60 -1.61
N ASN B 321 2.21 9.34 -1.19
CA ASN B 321 2.78 8.25 -1.97
C ASN B 321 2.11 8.13 -3.34
N GLU B 322 0.79 8.32 -3.40
CA GLU B 322 0.14 8.23 -4.69
C GLU B 322 0.51 9.41 -5.59
N ALA B 323 0.76 10.58 -5.01
CA ALA B 323 1.30 11.68 -5.81
C ALA B 323 2.71 11.37 -6.30
N LEU B 324 3.53 10.76 -5.45
CA LEU B 324 4.86 10.32 -5.88
C LEU B 324 4.78 9.21 -6.91
N ARG B 325 3.73 8.38 -6.86
CA ARG B 325 3.61 7.35 -7.88
C ARG B 325 3.41 7.98 -9.24
N LEU B 326 2.43 8.90 -9.35
CA LEU B 326 2.09 9.46 -10.65
C LEU B 326 3.16 10.41 -11.15
N TRP B 327 3.69 11.29 -10.30
CA TRP B 327 4.69 12.27 -10.74
C TRP B 327 5.86 12.31 -9.77
N PRO B 328 6.72 11.30 -9.79
CA PRO B 328 7.93 11.33 -8.96
C PRO B 328 8.82 12.49 -9.37
N THR B 329 9.08 13.39 -8.42
CA THR B 329 9.66 14.68 -8.78
C THR B 329 11.16 14.64 -9.02
N ALA B 330 11.84 13.54 -8.67
CA ALA B 330 13.20 13.28 -9.17
C ALA B 330 13.06 12.13 -10.15
N PRO B 331 12.74 12.39 -11.42
CA PRO B 331 12.05 11.39 -12.23
C PRO B 331 12.92 10.29 -12.81
N ALA B 332 14.22 10.29 -12.57
CA ALA B 332 15.04 9.23 -13.14
C ALA B 332 16.32 9.08 -12.31
N PHE B 333 16.93 7.90 -12.42
CA PHE B 333 18.28 7.72 -11.94
C PHE B 333 19.00 6.75 -12.87
N SER B 334 20.33 6.75 -12.77
CA SER B 334 21.18 6.08 -13.74
C SER B 334 22.02 5.01 -13.06
N LEU B 335 22.29 3.93 -13.80
CA LEU B 335 23.05 2.81 -13.30
C LEU B 335 24.05 2.36 -14.34
N TYR B 336 25.13 1.71 -13.89
CA TYR B 336 26.05 1.05 -14.82
C TYR B 336 26.24 -0.39 -14.39
N ALA B 337 26.49 -1.25 -15.37
CA ALA B 337 26.75 -2.66 -15.11
C ALA B 337 28.16 -2.83 -14.55
N LYS B 338 28.26 -3.44 -13.37
CA LYS B 338 29.56 -3.64 -12.76
C LYS B 338 30.42 -4.63 -13.55
N GLU B 339 29.79 -5.62 -14.17
CA GLU B 339 30.47 -6.58 -15.04
C GLU B 339 29.53 -6.93 -16.19
N ASP B 340 30.05 -7.68 -17.16
CA ASP B 340 29.18 -8.25 -18.19
C ASP B 340 28.02 -9.00 -17.53
N THR B 341 26.81 -8.79 -18.06
CA THR B 341 25.64 -9.44 -17.50
C THR B 341 24.51 -9.36 -18.54
N VAL B 342 23.50 -10.21 -18.36
CA VAL B 342 22.37 -10.28 -19.27
C VAL B 342 21.13 -9.80 -18.54
N LEU B 343 20.47 -8.79 -19.09
CA LEU B 343 19.30 -8.20 -18.48
C LEU B 343 18.03 -8.84 -19.01
N GLY B 344 17.18 -9.31 -18.10
CA GLY B 344 15.90 -9.86 -18.49
C GLY B 344 15.98 -11.08 -19.37
N GLY B 345 17.13 -11.73 -19.42
CA GLY B 345 17.31 -12.91 -20.24
C GLY B 345 17.38 -12.68 -21.73
N GLU B 346 17.47 -11.44 -22.18
CA GLU B 346 17.50 -11.21 -23.62
C GLU B 346 18.35 -10.00 -24.03
N TYR B 347 18.78 -9.19 -23.06
CA TYR B 347 19.53 -7.98 -23.36
C TYR B 347 20.92 -8.07 -22.74
N PRO B 348 21.92 -8.53 -23.50
CA PRO B 348 23.28 -8.64 -22.95
C PRO B 348 23.91 -7.28 -22.78
N LEU B 349 24.49 -7.04 -21.62
CA LEU B 349 25.14 -5.78 -21.28
C LEU B 349 26.61 -6.04 -21.00
N GLU B 350 27.46 -5.16 -21.48
CA GLU B 350 28.88 -5.24 -21.19
C GLU B 350 29.22 -4.35 -19.98
N LYS B 351 30.33 -4.69 -19.32
CA LYS B 351 30.78 -3.90 -18.19
C LYS B 351 30.83 -2.43 -18.54
N GLY B 352 30.28 -1.59 -17.66
CA GLY B 352 30.23 -0.16 -17.89
C GLY B 352 29.01 0.33 -18.65
N ASP B 353 28.23 -0.55 -19.25
CA ASP B 353 27.03 -0.12 -19.97
C ASP B 353 26.05 0.55 -19.02
N GLU B 354 25.39 1.59 -19.51
CA GLU B 354 24.57 2.46 -18.69
C GLU B 354 23.09 2.18 -18.87
N LEU B 355 22.32 2.37 -17.79
CA LEU B 355 20.88 2.23 -17.77
C LEU B 355 20.27 3.47 -17.16
N MET B 356 19.10 3.88 -17.66
CA MET B 356 18.30 4.93 -17.03
C MET B 356 16.99 4.31 -16.57
N VAL B 357 16.61 4.57 -15.33
CA VAL B 357 15.34 4.12 -14.76
C VAL B 357 14.34 5.26 -14.91
N LEU B 358 13.33 5.08 -15.75
CA LEU B 358 12.32 6.10 -15.99
C LEU B 358 11.20 5.92 -14.98
N ILE B 359 11.33 6.60 -13.84
CA ILE B 359 10.46 6.31 -12.69
C ILE B 359 8.99 6.51 -13.01
N PRO B 360 8.55 7.59 -13.66
CA PRO B 360 7.10 7.73 -13.93
C PRO B 360 6.54 6.58 -14.77
N GLN B 361 7.35 6.03 -15.67
CA GLN B 361 6.90 4.89 -16.46
C GLN B 361 6.81 3.62 -15.60
N LEU B 362 7.83 3.37 -14.77
CA LEU B 362 7.78 2.27 -13.82
C LEU B 362 6.48 2.29 -13.02
N HIS B 363 6.12 3.47 -12.51
CA HIS B 363 4.93 3.63 -11.68
C HIS B 363 3.64 3.53 -12.47
N ARG B 364 3.72 3.32 -13.79
CA ARG B 364 2.54 3.08 -14.63
C ARG B 364 2.56 1.68 -15.22
N ASP B 365 3.41 0.79 -14.70
CA ASP B 365 3.50 -0.60 -15.18
C ASP B 365 2.22 -1.32 -14.81
N LYS B 366 1.37 -1.57 -15.82
CA LYS B 366 0.07 -2.19 -15.56
C LYS B 366 0.20 -3.60 -15.01
N THR B 367 1.31 -4.29 -15.29
CA THR B 367 1.50 -5.63 -14.75
C THR B 367 1.65 -5.62 -13.23
N ILE B 368 1.92 -4.45 -12.64
CA ILE B 368 2.03 -4.30 -11.19
C ILE B 368 0.80 -3.62 -10.59
N TRP B 369 0.36 -2.52 -11.21
CA TRP B 369 -0.63 -1.65 -10.59
C TRP B 369 -2.05 -1.87 -11.09
N GLY B 370 -2.25 -2.68 -12.12
CA GLY B 370 -3.56 -2.84 -12.72
C GLY B 370 -3.78 -1.88 -13.86
N ASP B 371 -4.98 -1.92 -14.43
CA ASP B 371 -5.30 -1.09 -15.59
C ASP B 371 -5.55 0.37 -15.25
N ASP B 372 -5.84 0.69 -13.98
CA ASP B 372 -6.18 2.06 -13.59
C ASP B 372 -4.97 2.90 -13.20
N VAL B 373 -3.84 2.77 -13.91
CA VAL B 373 -2.59 3.41 -13.45
C VAL B 373 -2.68 4.93 -13.47
N GLU B 374 -3.53 5.50 -14.34
CA GLU B 374 -3.57 6.96 -14.43
C GLU B 374 -4.49 7.59 -13.39
N GLU B 375 -5.26 6.79 -12.67
CA GLU B 375 -6.17 7.32 -11.68
C GLU B 375 -5.44 7.58 -10.36
N PHE B 376 -5.86 8.65 -9.68
CA PHE B 376 -5.28 9.03 -8.40
C PHE B 376 -6.09 8.36 -7.29
N ARG B 377 -5.51 7.32 -6.69
CA ARG B 377 -6.21 6.54 -5.68
C ARG B 377 -5.25 6.23 -4.54
N PRO B 378 -5.22 7.08 -3.51
CA PRO B 378 -4.32 6.81 -2.37
C PRO B 378 -4.58 5.46 -1.73
N GLU B 379 -5.79 4.92 -1.89
CA GLU B 379 -6.12 3.62 -1.31
C GLU B 379 -5.21 2.50 -1.82
N ARG B 380 -4.46 2.71 -2.92
CA ARG B 380 -3.48 1.71 -3.33
C ARG B 380 -2.41 1.50 -2.25
N PHE B 381 -2.17 2.51 -1.42
CA PHE B 381 -1.06 2.50 -0.47
C PHE B 381 -1.51 2.25 0.97
N GLU B 382 -2.70 1.66 1.17
CA GLU B 382 -3.16 1.37 2.51
C GLU B 382 -2.13 0.57 3.30
N ASN B 383 -1.57 -0.47 2.67
CA ASN B 383 -0.52 -1.27 3.30
C ASN B 383 0.70 -1.25 2.39
N PRO B 384 1.78 -0.55 2.76
CA PRO B 384 2.95 -0.46 1.88
C PRO B 384 3.68 -1.78 1.70
N SER B 385 3.61 -2.69 2.67
CA SER B 385 4.32 -3.96 2.56
C SER B 385 3.80 -4.82 1.42
N ALA B 386 2.52 -4.66 1.07
CA ALA B 386 1.94 -5.43 -0.02
C ALA B 386 2.49 -5.03 -1.38
N ILE B 387 3.02 -3.82 -1.51
CA ILE B 387 3.50 -3.34 -2.80
C ILE B 387 4.72 -4.15 -3.21
N PRO B 388 4.77 -4.69 -4.42
CA PRO B 388 5.88 -5.57 -4.81
C PRO B 388 7.22 -4.84 -4.79
N GLN B 389 8.27 -5.63 -4.61
CA GLN B 389 9.62 -5.09 -4.50
C GLN B 389 10.02 -4.39 -5.79
N HIS B 390 10.53 -3.16 -5.65
CA HIS B 390 11.04 -2.35 -6.74
C HIS B 390 9.97 -1.91 -7.73
N ALA B 391 8.70 -1.96 -7.34
CA ALA B 391 7.65 -1.39 -8.18
C ALA B 391 7.47 0.10 -7.95
N PHE B 392 7.88 0.59 -6.79
CA PHE B 392 7.63 1.97 -6.34
C PHE B 392 8.98 2.51 -5.88
N LYS B 393 9.58 3.39 -6.70
CA LYS B 393 10.96 3.84 -6.47
C LYS B 393 11.12 5.36 -6.57
N PRO B 394 10.25 6.15 -5.91
CA PRO B 394 10.41 7.61 -5.99
C PRO B 394 11.66 8.12 -5.31
N PHE B 395 12.28 7.33 -4.44
CA PHE B 395 13.47 7.75 -3.71
C PHE B 395 14.70 6.95 -4.12
N GLY B 396 14.69 6.36 -5.32
CA GLY B 396 15.89 5.69 -5.80
C GLY B 396 16.03 4.29 -5.21
N ASN B 397 17.28 3.81 -5.16
CA ASN B 397 17.49 2.40 -4.87
C ASN B 397 18.70 2.15 -3.98
N GLY B 398 18.54 1.21 -3.05
CA GLY B 398 19.64 0.63 -2.32
C GLY B 398 20.40 1.63 -1.46
N GLN B 399 21.71 1.43 -1.35
CA GLN B 399 22.53 2.32 -0.55
C GLN B 399 22.63 3.71 -1.17
N ARG B 400 22.33 3.85 -2.46
CA ARG B 400 22.30 5.15 -3.12
C ARG B 400 20.89 5.72 -3.18
N ALA B 401 19.97 5.20 -2.37
CA ALA B 401 18.64 5.77 -2.29
C ALA B 401 18.68 7.13 -1.58
N CYS B 402 17.57 7.84 -1.65
CA CYS B 402 17.49 9.18 -1.10
C CYS B 402 17.73 9.17 0.40
N ILE B 403 18.80 9.84 0.85
CA ILE B 403 19.05 9.91 2.28
C ILE B 403 18.04 10.82 2.98
N GLY B 404 17.40 11.72 2.23
CA GLY B 404 16.47 12.66 2.81
C GLY B 404 15.03 12.21 2.74
N GLN B 405 14.80 10.91 2.50
CA GLN B 405 13.42 10.44 2.33
C GLN B 405 12.57 10.72 3.57
N GLN B 406 13.09 10.39 4.75
CA GLN B 406 12.30 10.63 5.96
C GLN B 406 12.09 12.12 6.20
N PHE B 407 13.10 12.93 5.88
CA PHE B 407 12.99 14.38 5.98
C PHE B 407 11.90 14.89 5.04
N ALA B 408 11.96 14.50 3.77
CA ALA B 408 10.99 14.97 2.78
C ALA B 408 9.58 14.58 3.15
N LEU B 409 9.39 13.33 3.60
CA LEU B 409 8.04 12.87 3.90
C LEU B 409 7.52 13.46 5.20
N HIS B 410 8.38 13.68 6.19
CA HIS B 410 7.93 14.33 7.41
C HIS B 410 7.52 15.77 7.14
N GLU B 411 8.35 16.45 6.36
CA GLU B 411 8.09 17.86 5.96
C GLU B 411 6.77 17.92 5.18
N ALA B 412 6.58 17.03 4.21
CA ALA B 412 5.39 17.08 3.36
C ALA B 412 4.15 16.65 4.13
N THR B 413 4.27 15.69 5.03
CA THR B 413 3.11 15.24 5.79
C THR B 413 2.66 16.31 6.79
N LEU B 414 3.62 16.92 7.48
CA LEU B 414 3.31 18.02 8.39
C LEU B 414 2.61 19.16 7.67
N VAL B 415 3.19 19.60 6.56
CA VAL B 415 2.70 20.80 5.90
C VAL B 415 1.34 20.53 5.25
N LEU B 416 1.20 19.39 4.55
CA LEU B 416 -0.09 19.07 3.95
C LEU B 416 -1.15 18.89 5.03
N GLY B 417 -0.79 18.27 6.15
CA GLY B 417 -1.75 18.09 7.23
C GLY B 417 -2.24 19.42 7.78
N MET B 418 -1.32 20.37 7.96
CA MET B 418 -1.72 21.69 8.44
C MET B 418 -2.56 22.42 7.39
N MET B 419 -2.21 22.29 6.11
CA MET B 419 -3.01 22.91 5.06
C MET B 419 -4.43 22.38 5.07
N LEU B 420 -4.59 21.06 5.20
CA LEU B 420 -5.92 20.47 5.19
C LEU B 420 -6.69 20.78 6.46
N LYS B 421 -5.98 20.98 7.57
CA LYS B 421 -6.63 21.34 8.81
C LYS B 421 -7.18 22.77 8.74
N HIS B 422 -6.44 23.68 8.15
CA HIS B 422 -6.73 25.11 8.30
C HIS B 422 -7.54 25.71 7.17
N PHE B 423 -7.63 25.06 6.00
CA PHE B 423 -8.27 25.69 4.85
C PHE B 423 -9.11 24.69 4.08
N ASP B 424 -10.19 25.21 3.50
CA ASP B 424 -10.84 24.58 2.36
C ASP B 424 -10.25 25.16 1.10
N PHE B 425 -10.09 24.32 0.08
CA PHE B 425 -9.44 24.74 -1.16
C PHE B 425 -10.41 24.70 -2.32
N GLU B 426 -10.27 25.67 -3.22
CA GLU B 426 -11.07 25.75 -4.43
C GLU B 426 -10.15 25.79 -5.64
N ASP B 427 -10.41 24.90 -6.60
CA ASP B 427 -9.76 24.92 -7.91
C ASP B 427 -10.52 25.93 -8.78
N HIS B 428 -10.30 27.22 -8.48
CA HIS B 428 -11.18 28.25 -9.02
C HIS B 428 -10.99 28.48 -10.52
N THR B 429 -9.85 28.09 -11.09
CA THR B 429 -9.66 28.24 -12.53
C THR B 429 -9.91 26.96 -13.30
N ASN B 430 -10.32 25.88 -12.64
CA ASN B 430 -10.34 24.55 -13.25
C ASN B 430 -8.99 24.29 -13.93
N TYR B 431 -7.94 24.32 -13.12
CA TYR B 431 -6.58 24.34 -13.61
C TYR B 431 -6.27 23.12 -14.49
N GLU B 432 -5.68 23.38 -15.65
CA GLU B 432 -5.26 22.31 -16.57
C GLU B 432 -3.80 21.97 -16.28
N LEU B 433 -3.56 20.70 -15.92
CA LEU B 433 -2.22 20.28 -15.53
C LEU B 433 -1.22 20.57 -16.64
N ASP B 434 -0.17 21.31 -16.28
CA ASP B 434 0.91 21.68 -17.19
C ASP B 434 2.20 21.48 -16.41
N ILE B 435 2.96 20.45 -16.74
CA ILE B 435 4.10 20.05 -15.94
C ILE B 435 5.35 20.67 -16.53
N LYS B 436 5.90 21.66 -15.82
CA LYS B 436 7.15 22.27 -16.21
C LYS B 436 8.31 21.41 -15.75
N GLU B 437 9.32 21.27 -16.61
CA GLU B 437 10.45 20.40 -16.33
C GLU B 437 11.71 21.22 -16.18
N THR B 438 12.35 21.08 -15.04
CA THR B 438 13.76 21.45 -14.86
C THR B 438 14.54 20.14 -14.75
N LEU B 439 15.43 19.96 -13.77
CA LEU B 439 15.80 18.59 -13.43
C LEU B 439 14.75 17.90 -12.59
N THR B 440 13.71 18.63 -12.15
CA THR B 440 12.58 18.06 -11.43
C THR B 440 11.29 18.45 -12.14
N LEU B 441 10.17 18.06 -11.56
CA LEU B 441 8.86 18.23 -12.16
C LEU B 441 7.99 19.05 -11.23
N LYS B 442 7.14 19.92 -11.78
CA LYS B 442 6.22 20.71 -10.98
C LYS B 442 5.03 21.11 -11.82
N PRO B 443 3.85 21.31 -11.22
CA PRO B 443 2.67 21.76 -11.99
C PRO B 443 2.66 23.26 -12.20
N GLU B 444 3.14 23.71 -13.36
CA GLU B 444 3.34 25.14 -13.58
C GLU B 444 2.00 25.88 -13.63
N GLY B 445 1.98 27.05 -12.98
CA GLY B 445 0.79 27.87 -12.96
C GLY B 445 -0.36 27.32 -12.14
N PHE B 446 -0.12 26.30 -11.31
CA PHE B 446 -1.17 25.76 -10.46
C PHE B 446 -1.54 26.80 -9.41
N VAL B 447 -2.82 27.16 -9.37
CA VAL B 447 -3.32 28.16 -8.44
C VAL B 447 -4.61 27.66 -7.82
N VAL B 448 -4.84 28.08 -6.57
CA VAL B 448 -6.06 27.76 -5.84
C VAL B 448 -6.47 28.97 -5.02
N LYS B 449 -7.72 28.94 -4.56
CA LYS B 449 -8.19 29.84 -3.51
C LYS B 449 -8.33 29.03 -2.23
N ALA B 450 -7.95 29.63 -1.11
CA ALA B 450 -8.09 28.99 0.18
C ALA B 450 -9.01 29.82 1.06
N LYS B 451 -10.06 29.19 1.57
CA LYS B 451 -10.97 29.82 2.51
C LYS B 451 -10.66 29.26 3.90
N SER B 452 -10.28 30.15 4.82
CA SER B 452 -9.85 29.72 6.14
C SER B 452 -10.99 29.04 6.89
N LYS B 453 -10.65 27.99 7.63
CA LYS B 453 -11.56 27.40 8.59
C LYS B 453 -11.53 28.13 9.94
N LYS B 454 -10.69 29.17 10.07
CA LYS B 454 -10.65 30.05 11.25
C LYS B 454 -10.22 29.30 12.51
N ILE B 455 -9.31 28.34 12.35
CA ILE B 455 -8.77 27.58 13.47
C ILE B 455 -7.45 28.23 13.89
N PRO B 456 -7.33 28.70 15.13
CA PRO B 456 -6.13 29.44 15.52
C PRO B 456 -4.90 28.55 15.64
N LEU B 457 -3.73 29.19 15.54
CA LEU B 457 -2.44 28.51 15.62
C LEU B 457 -1.87 28.60 17.04
C01 I7X C 1 -14.06 -15.42 15.55
C02 I7X C 1 -14.80 -14.33 16.34
C27 I7X C 1 -14.51 -15.15 14.11
C28 I7X C 1 -13.53 -15.51 12.99
C29 I7X C 1 -12.36 -16.41 13.43
C30 I7X C 1 -11.88 -17.38 12.33
C32 I7X C 1 -10.84 -15.43 11.15
C33 I7X C 1 -10.56 -15.14 9.82
C35 I7X C 1 -11.46 -17.06 9.93
N31 I7X C 1 -11.38 -16.63 11.18
N34 I7X C 1 -10.96 -16.17 9.09
O26 I7X C 1 -14.22 -13.35 16.67
N PPN C 2 -16.18 -14.55 16.70
CA PPN C 2 -16.96 -13.53 17.39
C PPN C 2 -16.58 -13.28 18.84
O PPN C 2 -17.04 -12.34 19.42
CB PPN C 2 -18.42 -13.95 17.34
CG PPN C 2 -18.73 -15.21 18.15
CD1 PPN C 2 -18.66 -16.47 17.56
CD2 PPN C 2 -19.11 -15.08 19.47
CE1 PPN C 2 -18.94 -17.60 18.33
CE2 PPN C 2 -19.41 -16.20 20.23
CZ PPN C 2 -19.32 -17.44 19.66
N1 PPN C 2 -19.63 -18.60 20.47
O1 PPN C 2 -19.90 -18.41 21.83
O2 PPN C 2 -19.67 -19.67 19.99
N TYR C 3 -15.67 -14.17 19.52
CA TYR C 3 -15.35 -13.91 20.91
C TYR C 3 -14.08 -14.70 21.15
C01 I7X D 1 18.13 13.84 -13.73
C02 I7X D 1 17.75 12.85 -14.84
C27 I7X D 1 16.96 13.89 -12.75
C28 I7X D 1 17.24 14.20 -11.28
C29 I7X D 1 18.65 14.70 -10.94
C30 I7X D 1 18.57 15.61 -9.73
C32 I7X D 1 18.33 13.62 -8.31
C33 I7X D 1 17.78 13.34 -7.07
C35 I7X D 1 17.48 15.44 -7.52
N31 I7X D 1 18.13 14.90 -8.54
N34 I7X D 1 17.26 14.48 -6.64
O26 I7X D 1 18.12 11.73 -14.82
N PPN D 2 16.84 13.33 -15.88
CA PPN D 2 16.36 12.47 -16.95
C PPN D 2 17.40 11.94 -17.93
O PPN D 2 17.13 11.04 -18.65
CB PPN D 2 15.28 13.23 -17.74
CG PPN D 2 15.81 14.42 -18.54
CD1 PPN D 2 15.83 15.70 -17.99
CD2 PPN D 2 16.26 14.22 -19.84
CE1 PPN D 2 16.31 16.77 -18.75
CE2 PPN D 2 16.75 15.28 -20.60
CZ PPN D 2 16.76 16.55 -20.04
N1 PPN D 2 17.27 17.64 -20.86
O1 PPN D 2 17.70 17.34 -22.16
O2 PPN D 2 17.30 18.74 -20.45
N TYR D 3 18.72 12.51 -17.99
CA TYR D 3 19.68 12.00 -18.94
C TYR D 3 21.03 12.41 -18.40
CHA HEM E . -6.89 -13.08 8.13
CHB HEM E . -11.37 -12.59 6.36
CHC HEM E . -10.34 -15.65 2.73
CHD HEM E . -6.03 -16.52 4.80
C1A HEM E . -8.19 -12.66 7.97
C2A HEM E . -8.90 -11.70 8.79
C3A HEM E . -10.14 -11.56 8.29
C4A HEM E . -10.26 -12.44 7.15
CMA HEM E . -11.27 -10.66 8.84
CAA HEM E . -8.32 -10.97 10.02
CBA HEM E . -8.50 -11.90 11.23
CGA HEM E . -8.08 -11.25 12.52
O1A HEM E . -7.69 -10.05 12.52
O2A HEM E . -8.12 -11.94 13.57
C1B HEM E . -11.48 -13.35 5.22
C2B HEM E . -12.63 -13.40 4.33
C3B HEM E . -12.35 -14.26 3.33
C4B HEM E . -11.00 -14.75 3.55
CMB HEM E . -13.94 -12.61 4.56
CAB HEM E . -13.20 -14.68 2.12
CBB HEM E . -14.11 -13.88 1.53
C1C HEM E . -9.06 -16.12 2.95
C2C HEM E . -8.31 -16.97 2.06
C3C HEM E . -7.11 -17.22 2.63
C4C HEM E . -7.09 -16.51 3.90
CMC HEM E . -8.84 -17.48 0.69
CAC HEM E . -5.91 -18.06 2.12
CBC HEM E . -6.03 -18.99 1.17
C1D HEM E . -5.87 -15.66 5.86
C2D HEM E . -4.69 -15.54 6.70
C3D HEM E . -4.93 -14.59 7.62
C4D HEM E . -6.28 -14.08 7.39
CMD HEM E . -3.39 -16.37 6.58
CAD HEM E . -3.99 -14.10 8.72
CBD HEM E . -3.05 -13.05 8.12
CGD HEM E . -2.08 -12.54 9.13
O1D HEM E . -0.87 -12.48 8.81
O2D HEM E . -2.50 -12.19 10.27
NA HEM E . -9.05 -13.08 6.99
NB HEM E . -10.51 -14.19 4.70
NC HEM E . -8.30 -15.87 4.06
ND HEM E . -6.80 -14.75 6.32
FE HEM E . -8.61 -14.39 5.46
CHA HEM F . 19.06 10.93 -3.64
CHB HEM F . 14.40 11.64 -4.72
CHC HEM F . 14.07 14.89 -1.14
CHD HEM F . 18.82 14.50 -0.33
C1A HEM F . 17.84 10.81 -4.26
C2A HEM F . 17.48 9.93 -5.35
C3A HEM F . 16.19 10.13 -5.65
C4A HEM F . 15.68 11.15 -4.76
CMA HEM F . 15.38 9.42 -6.75
CAA HEM F . 18.42 8.94 -6.06
CBA HEM F . 19.19 9.73 -7.11
CGA HEM F . 20.09 8.85 -7.95
O1A HEM F . 20.08 7.60 -7.78
O2A HEM F . 20.84 9.42 -8.80
C1B HEM F . 13.91 12.56 -3.82
C2B HEM F . 12.53 12.98 -3.73
C3B HEM F . 12.43 13.86 -2.74
C4B HEM F . 13.73 14.06 -2.18
CMB HEM F . 11.42 12.43 -4.66
CAB HEM F . 11.18 14.65 -2.22
CBB HEM F . 9.91 14.20 -2.26
C1C HEM F . 15.31 15.06 -0.57
C2C HEM F . 15.62 15.87 0.59
C3C HEM F . 16.93 15.76 0.82
C4C HEM F . 17.51 14.89 -0.19
CMC HEM F . 14.58 16.68 1.37
CAC HEM F . 17.82 16.41 1.92
CBC HEM F . 17.53 17.49 2.63
C1D HEM F . 19.31 13.49 -1.15
C2D HEM F . 20.67 12.99 -1.20
C3D HEM F . 20.73 12.02 -2.11
C4D HEM F . 19.42 11.84 -2.67
CMD HEM F . 21.86 13.54 -0.33
CAD HEM F . 21.97 11.18 -2.51
CBD HEM F . 22.09 10.06 -1.48
CGD HEM F . 23.28 9.22 -1.82
O1D HEM F . 24.10 8.94 -0.90
O2D HEM F . 23.43 8.83 -3.00
NA HEM F . 16.72 11.54 -3.93
NB HEM F . 14.62 13.25 -2.86
NC HEM F . 16.49 14.48 -1.01
ND HEM F . 18.58 12.76 -2.06
FE HEM F . 16.58 12.98 -2.44
#